data_8A14
#
_entry.id   8A14
#
_cell.length_a   85.250
_cell.length_b   121.920
_cell.length_c   181.680
_cell.angle_alpha   90.000
_cell.angle_beta   90.000
_cell.angle_gamma   90.000
#
_symmetry.space_group_name_H-M   'P 21 21 21'
#
loop_
_entity.id
_entity.type
_entity.pdbx_description
1 polymer 'Cerato-platatanin-like protein 1'
2 water water
#
_entity_poly.entity_id   1
_entity_poly.type   'polypeptide(L)'
_entity_poly.pdbx_seq_one_letter_code
;MSGSHHHHHHSSGIEGRGRQYKLILNGKTLKGETTTEAVDAATAEKVFKQYANDNGVDGEWTYDDATKTFTVTESSGENL
YFQSGSHMTMGANAAYPYDVPDYASAVDITFTSGKFNRRDDSTVVKQKNPEFGMNLANQYIIRKGAGLPPAKDVKETYPE
CKWRHYAGSFGWLDDYNVQCYLSPSYKFHAHSIAKAFKAEPSTKAGACFDTANTDQFPEGVPKYSIGVPYLYMNNLYDRR
CKVRAMVKIPKTDEHEEKWVQAWVIDHNLGNWDKDGKENDAYPKDGVLIDTNMYEQFFDKNKKVPDYSKTVPVEWFFLDI
NTVG
;
_entity_poly.pdbx_strand_id   A,B,C,D,E,F
#
# COMPACT_ATOMS: atom_id res chain seq x y z
N GLN A 127 3.23 46.24 4.11
CA GLN A 127 2.31 45.97 2.98
C GLN A 127 1.22 44.96 3.35
N LYS A 128 -0.05 45.39 3.30
CA LYS A 128 -1.12 44.45 3.63
C LYS A 128 -1.28 43.41 2.50
N ASN A 129 -1.38 42.14 2.87
CA ASN A 129 -1.37 41.07 1.89
C ASN A 129 -2.19 39.90 2.41
N PRO A 130 -3.37 39.62 1.84
CA PRO A 130 -4.03 40.22 0.66
C PRO A 130 -4.42 41.63 0.98
N GLU A 131 -4.50 42.45 -0.05
CA GLU A 131 -4.82 43.85 0.18
C GLU A 131 -6.27 44.03 0.64
N PHE A 132 -7.15 43.13 0.23
CA PHE A 132 -8.57 43.17 0.59
C PHE A 132 -9.03 41.78 0.96
N GLY A 133 -10.05 41.72 1.83
CA GLY A 133 -10.67 40.44 2.13
C GLY A 133 -9.85 39.53 3.04
N MET A 134 -10.37 38.31 3.18
CA MET A 134 -9.84 37.26 4.03
C MET A 134 -8.46 36.75 3.57
N ASN A 135 -7.65 36.25 4.52
CA ASN A 135 -6.40 35.57 4.16
C ASN A 135 -6.74 34.13 3.72
N LEU A 136 -6.81 33.91 2.42
CA LEU A 136 -7.22 32.60 1.90
C LEU A 136 -6.22 31.50 2.25
N ALA A 137 -4.93 31.79 2.15
CA ALA A 137 -3.93 30.78 2.46
C ALA A 137 -4.10 30.24 3.89
N ASN A 138 -4.32 31.11 4.87
CA ASN A 138 -4.52 30.65 6.24
C ASN A 138 -5.80 29.85 6.38
N GLN A 139 -6.82 30.18 5.58
CA GLN A 139 -8.02 29.36 5.62
C GLN A 139 -7.71 27.93 5.21
N TYR A 140 -6.78 27.72 4.28
CA TYR A 140 -6.45 26.34 3.94
C TYR A 140 -5.45 25.74 4.90
N ILE A 141 -4.42 26.50 5.27
CA ILE A 141 -3.30 25.95 6.03
C ILE A 141 -3.64 25.82 7.52
N ILE A 142 -4.29 26.83 8.09
CA ILE A 142 -4.65 26.75 9.50
C ILE A 142 -6.01 26.09 9.68
N ARG A 143 -7.01 26.47 8.89
CA ARG A 143 -8.37 25.99 9.09
C ARG A 143 -8.75 24.87 8.13
N LYS A 144 -7.78 24.26 7.43
CA LYS A 144 -7.99 23.02 6.66
C LYS A 144 -9.03 23.15 5.57
N GLY A 145 -9.30 24.37 5.09
CA GLY A 145 -10.24 24.57 4.01
C GLY A 145 -11.69 24.64 4.45
N ALA A 146 -11.98 24.70 5.76
CA ALA A 146 -13.35 24.75 6.24
C ALA A 146 -14.03 26.06 5.84
N GLY A 147 -15.36 26.01 5.78
CA GLY A 147 -16.17 27.15 5.42
C GLY A 147 -16.03 27.66 4.00
N LEU A 148 -15.60 26.84 3.05
CA LEU A 148 -15.39 27.26 1.67
C LEU A 148 -16.34 26.46 0.75
N PRO A 149 -16.69 26.97 -0.45
CA PRO A 149 -17.68 26.27 -1.28
C PRO A 149 -17.08 24.99 -1.84
N PRO A 150 -17.91 24.01 -2.19
CA PRO A 150 -17.37 22.82 -2.86
C PRO A 150 -16.65 23.21 -4.16
N ALA A 151 -15.41 22.73 -4.30
CA ALA A 151 -14.56 23.18 -5.40
C ALA A 151 -14.90 22.45 -6.69
N LYS A 152 -15.06 23.20 -7.78
CA LYS A 152 -15.25 22.61 -9.10
C LYS A 152 -13.90 22.48 -9.80
N ASP A 153 -13.88 21.82 -10.96
CA ASP A 153 -12.63 21.61 -11.69
C ASP A 153 -12.46 22.75 -12.69
N VAL A 154 -11.24 23.29 -12.81
CA VAL A 154 -11.01 24.46 -13.68
C VAL A 154 -11.29 24.16 -15.14
N LYS A 155 -11.32 22.89 -15.54
CA LYS A 155 -11.74 22.62 -16.93
C LYS A 155 -13.12 23.17 -17.21
N GLU A 156 -13.97 23.23 -16.20
CA GLU A 156 -15.34 23.72 -16.43
C GLU A 156 -15.41 25.23 -16.72
N THR A 157 -14.35 25.99 -16.47
CA THR A 157 -14.45 27.44 -16.67
C THR A 157 -14.38 27.81 -18.13
N TYR A 158 -13.81 26.96 -18.99
CA TYR A 158 -13.59 27.32 -20.40
C TYR A 158 -13.66 26.07 -21.25
N PRO A 159 -14.87 25.54 -21.48
CA PRO A 159 -15.01 24.32 -22.27
C PRO A 159 -14.35 24.38 -23.64
N GLU A 160 -14.38 25.51 -24.33
CA GLU A 160 -13.80 25.59 -25.66
C GLU A 160 -12.30 25.87 -25.67
N CYS A 161 -11.68 25.98 -24.52
CA CYS A 161 -10.22 26.10 -24.50
C CYS A 161 -9.64 24.68 -24.70
N LYS A 162 -9.21 24.37 -25.94
CA LYS A 162 -8.74 23.05 -26.30
C LYS A 162 -7.33 23.07 -26.90
N TRP A 163 -6.71 21.89 -26.93
CA TRP A 163 -5.40 21.73 -27.59
C TRP A 163 -5.63 21.57 -29.08
N ARG A 164 -5.28 22.57 -29.87
CA ARG A 164 -5.68 22.59 -31.27
C ARG A 164 -4.46 22.86 -32.14
N HIS A 165 -4.59 22.60 -33.43
CA HIS A 165 -3.55 22.91 -34.40
C HIS A 165 -3.96 24.13 -35.22
N TYR A 166 -3.01 25.03 -35.45
CA TYR A 166 -3.30 26.25 -36.21
C TYR A 166 -1.98 26.83 -36.67
N ALA A 167 -1.88 27.10 -37.98
CA ALA A 167 -0.73 27.80 -38.55
C ALA A 167 0.57 27.07 -38.24
N GLY A 168 0.57 25.76 -38.39
CA GLY A 168 1.76 25.00 -38.14
C GLY A 168 2.13 24.72 -36.69
N SER A 169 1.36 25.20 -35.68
CA SER A 169 1.68 24.78 -34.31
C SER A 169 0.46 24.22 -33.62
N PHE A 170 0.73 23.39 -32.62
CA PHE A 170 -0.26 23.05 -31.62
C PHE A 170 -0.24 24.13 -30.54
N GLY A 171 -1.42 24.46 -30.00
CA GLY A 171 -1.46 25.37 -28.86
C GLY A 171 -2.85 25.36 -28.24
N TRP A 172 -2.96 26.02 -27.08
CA TRP A 172 -4.26 26.16 -26.38
C TRP A 172 -5.06 27.27 -27.07
N LEU A 173 -6.11 26.89 -27.80
CA LEU A 173 -6.85 27.81 -28.64
C LEU A 173 -8.33 27.61 -28.37
N ASP A 174 -9.11 28.69 -28.46
CA ASP A 174 -10.55 28.53 -28.31
C ASP A 174 -11.19 28.22 -29.67
N ASP A 175 -12.53 28.31 -29.71
CA ASP A 175 -13.29 27.91 -30.90
C ASP A 175 -13.19 28.92 -32.05
N TYR A 176 -12.65 30.12 -31.80
CA TYR A 176 -12.30 31.06 -32.86
C TYR A 176 -10.80 31.13 -33.10
N ASN A 177 -10.04 30.14 -32.63
CA ASN A 177 -8.59 30.07 -32.80
C ASN A 177 -7.85 31.21 -32.13
N VAL A 178 -8.41 31.73 -31.04
CA VAL A 178 -7.73 32.72 -30.22
C VAL A 178 -7.08 32.01 -29.06
N GLN A 179 -5.79 32.34 -28.81
CA GLN A 179 -5.08 31.69 -27.71
C GLN A 179 -5.88 31.86 -26.42
N CYS A 180 -5.94 30.79 -25.62
CA CYS A 180 -6.58 30.85 -24.33
C CYS A 180 -5.71 30.18 -23.27
N TYR A 181 -6.05 30.43 -22.01
CA TYR A 181 -5.35 29.78 -20.90
C TYR A 181 -6.29 29.84 -19.70
N LEU A 182 -6.05 28.98 -18.71
CA LEU A 182 -7.00 28.80 -17.62
C LEU A 182 -6.49 29.50 -16.35
N SER A 183 -7.42 29.80 -15.43
CA SER A 183 -7.11 30.57 -14.22
C SER A 183 -7.66 29.81 -13.01
N PRO A 184 -7.05 28.67 -12.63
CA PRO A 184 -7.60 27.91 -11.50
C PRO A 184 -7.51 28.71 -10.20
N SER A 185 -8.58 28.66 -9.43
CA SER A 185 -8.70 29.46 -8.21
C SER A 185 -9.21 28.52 -7.13
N TYR A 186 -9.41 29.03 -5.90
CA TYR A 186 -9.94 28.20 -4.84
C TYR A 186 -11.34 27.65 -5.16
N LYS A 187 -12.06 28.26 -6.11
CA LYS A 187 -13.34 27.74 -6.51
C LYS A 187 -13.25 26.75 -7.66
N PHE A 188 -12.14 26.77 -8.40
CA PHE A 188 -11.96 25.97 -9.64
C PHE A 188 -10.55 25.41 -9.61
N HIS A 189 -10.39 24.23 -8.99
CA HIS A 189 -9.05 23.66 -8.85
C HIS A 189 -8.60 22.97 -10.14
N ALA A 190 -7.30 22.96 -10.35
CA ALA A 190 -6.69 22.17 -11.43
C ALA A 190 -6.36 20.79 -10.87
N HIS A 191 -6.58 19.77 -11.69
CA HIS A 191 -6.16 18.37 -11.41
C HIS A 191 -5.17 18.01 -12.51
N SER A 192 -3.86 18.00 -12.17
CA SER A 192 -2.80 17.84 -13.18
C SER A 192 -2.00 16.57 -12.92
N ILE A 193 -1.28 16.14 -13.94
CA ILE A 193 -0.29 15.08 -13.81
C ILE A 193 1.06 15.80 -13.67
N ALA A 194 1.79 15.54 -12.59
CA ALA A 194 3.04 16.25 -12.33
C ALA A 194 4.25 15.34 -12.47
N LYS A 195 5.38 15.96 -12.84
CA LYS A 195 6.71 15.35 -12.68
C LYS A 195 7.49 16.20 -11.68
N ALA A 196 8.49 15.56 -11.08
CA ALA A 196 9.38 16.24 -10.16
C ALA A 196 10.36 17.12 -10.92
N PHE A 197 10.83 18.17 -10.25
CA PHE A 197 11.96 18.94 -10.75
C PHE A 197 12.76 19.45 -9.59
N LYS A 198 14.02 19.78 -9.89
CA LYS A 198 14.91 20.23 -8.86
C LYS A 198 14.76 21.76 -8.82
N ALA A 199 14.29 22.27 -7.69
CA ALA A 199 13.89 23.69 -7.61
C ALA A 199 15.08 24.64 -7.72
N GLU A 200 16.17 24.33 -7.03
CA GLU A 200 17.25 25.31 -6.92
C GLU A 200 17.77 25.82 -8.27
N PRO A 201 18.00 25.00 -9.29
CA PRO A 201 18.43 25.55 -10.59
C PRO A 201 17.46 26.57 -11.20
N SER A 202 16.13 26.40 -11.00
CA SER A 202 15.17 27.35 -11.54
C SER A 202 15.18 28.68 -10.79
N THR A 203 15.87 28.79 -9.67
CA THR A 203 16.11 30.11 -9.06
C THR A 203 17.32 30.81 -9.65
N LYS A 204 18.08 30.13 -10.48
CA LYS A 204 19.23 30.75 -11.12
C LYS A 204 19.13 30.84 -12.62
N ALA A 205 18.22 30.10 -13.24
CA ALA A 205 18.03 30.14 -14.69
C ALA A 205 16.56 29.79 -14.98
N GLY A 206 16.17 29.86 -16.25
CA GLY A 206 14.83 29.45 -16.62
C GLY A 206 13.96 30.62 -16.97
N ALA A 207 12.64 30.35 -17.04
CA ALA A 207 11.71 31.36 -17.54
C ALA A 207 11.35 32.45 -16.53
N CYS A 208 11.56 32.23 -15.24
CA CYS A 208 11.05 33.13 -14.21
C CYS A 208 12.11 33.80 -13.38
N PHE A 209 13.35 33.30 -13.37
CA PHE A 209 14.28 33.67 -12.29
C PHE A 209 14.60 35.16 -12.28
N ASP A 210 14.55 35.81 -13.44
CA ASP A 210 14.86 37.24 -13.54
C ASP A 210 13.62 38.10 -13.64
N THR A 211 12.45 37.54 -13.35
CA THR A 211 11.25 38.35 -13.16
C THR A 211 11.39 39.14 -11.86
N ALA A 212 10.89 40.38 -11.82
CA ALA A 212 11.02 41.19 -10.61
C ALA A 212 10.39 40.46 -9.42
N ASN A 213 11.06 40.49 -8.26
CA ASN A 213 10.47 39.85 -7.07
C ASN A 213 9.12 40.47 -6.71
N THR A 214 8.17 39.62 -6.33
CA THR A 214 6.84 40.06 -5.91
C THR A 214 6.75 40.03 -4.39
N ASP A 215 5.64 40.52 -3.85
CA ASP A 215 5.52 40.68 -2.40
C ASP A 215 5.60 39.32 -1.70
N GLN A 216 6.45 39.25 -0.68
CA GLN A 216 6.80 38.09 0.13
C GLN A 216 7.50 36.99 -0.64
N PHE A 217 7.98 37.26 -1.86
CA PHE A 217 8.71 36.21 -2.58
C PHE A 217 10.00 35.86 -1.83
N PRO A 218 10.31 34.57 -1.60
CA PRO A 218 11.47 34.24 -0.75
C PRO A 218 12.81 34.59 -1.37
N GLU A 219 13.76 34.89 -0.51
CA GLU A 219 15.15 34.82 -0.91
C GLU A 219 15.57 33.36 -0.86
N GLY A 220 16.49 32.98 -1.73
CA GLY A 220 16.89 31.59 -1.73
C GLY A 220 15.87 30.74 -2.50
N VAL A 221 15.72 29.50 -2.06
CA VAL A 221 14.83 28.54 -2.71
C VAL A 221 13.52 28.50 -1.92
N PRO A 222 12.36 28.74 -2.57
CA PRO A 222 11.08 28.60 -1.85
C PRO A 222 10.97 27.24 -1.17
N LYS A 223 10.22 27.19 -0.08
CA LYS A 223 10.01 25.89 0.56
C LYS A 223 9.27 24.94 -0.37
N TYR A 224 8.28 25.45 -1.09
CA TYR A 224 7.51 24.67 -2.06
C TYR A 224 7.50 25.40 -3.40
N SER A 225 7.88 24.72 -4.49
CA SER A 225 8.04 25.36 -5.79
C SER A 225 7.34 24.54 -6.86
N ILE A 226 6.71 25.20 -7.84
CA ILE A 226 6.09 24.50 -8.95
C ILE A 226 6.53 25.16 -10.25
N GLY A 227 6.30 24.46 -11.35
CA GLY A 227 6.46 25.06 -12.67
C GLY A 227 5.18 24.80 -13.44
N VAL A 228 4.82 25.75 -14.32
CA VAL A 228 3.51 25.60 -14.99
C VAL A 228 3.66 25.76 -16.50
N PRO A 229 2.78 25.11 -17.28
CA PRO A 229 2.86 25.16 -18.75
C PRO A 229 1.88 26.15 -19.38
N TYR A 230 1.81 26.15 -20.72
CA TYR A 230 1.00 27.14 -21.45
C TYR A 230 -0.49 27.02 -21.18
N LEU A 231 -0.97 25.87 -20.68
CA LEU A 231 -2.40 25.81 -20.32
C LEU A 231 -2.79 26.88 -19.30
N TYR A 232 -1.81 27.33 -18.49
CA TYR A 232 -2.07 28.22 -17.38
C TYR A 232 -1.37 29.57 -17.48
N MET A 233 -0.85 29.98 -18.65
CA MET A 233 -0.19 31.30 -18.70
C MET A 233 -0.11 31.74 -20.16
N ASN A 234 0.15 33.01 -20.35
CA ASN A 234 0.54 33.60 -21.64
C ASN A 234 1.99 34.09 -21.48
N ASN A 235 2.90 33.59 -22.33
CA ASN A 235 4.31 33.82 -22.08
C ASN A 235 4.77 35.23 -22.46
N LEU A 236 3.92 36.01 -23.09
CA LEU A 236 4.26 37.39 -23.39
C LEU A 236 3.72 38.36 -22.34
N TYR A 237 2.48 38.19 -21.93
CA TYR A 237 1.76 39.23 -21.15
C TYR A 237 1.17 38.75 -19.84
N ASP A 238 1.19 37.43 -19.55
CA ASP A 238 0.58 37.00 -18.27
C ASP A 238 1.33 35.75 -17.83
N ARG A 239 2.61 35.96 -17.47
CA ARG A 239 3.54 34.83 -17.37
C ARG A 239 3.40 34.09 -16.06
N ARG A 240 2.86 34.74 -15.03
CA ARG A 240 2.58 34.16 -13.73
C ARG A 240 3.87 33.63 -13.11
N CYS A 241 5.00 34.30 -13.36
CA CYS A 241 6.26 34.02 -12.68
C CYS A 241 6.21 34.60 -11.27
N LYS A 242 6.73 33.83 -10.29
CA LYS A 242 6.81 34.29 -8.91
C LYS A 242 5.43 34.68 -8.35
N VAL A 243 4.40 33.90 -8.63
CA VAL A 243 3.10 34.08 -8.00
C VAL A 243 2.84 32.87 -7.11
N ARG A 244 1.84 33.01 -6.24
CA ARG A 244 1.58 31.97 -5.24
C ARG A 244 0.54 30.98 -5.73
N ALA A 245 0.73 29.72 -5.36
CA ALA A 245 -0.19 28.65 -5.70
C ALA A 245 -0.43 27.82 -4.46
N MET A 246 -1.65 27.30 -4.30
CA MET A 246 -1.90 26.39 -3.17
C MET A 246 -1.86 24.99 -3.77
N VAL A 247 -1.20 24.06 -3.09
CA VAL A 247 -1.02 22.69 -3.58
C VAL A 247 -1.45 21.73 -2.48
N LYS A 248 -2.30 20.75 -2.83
CA LYS A 248 -2.78 19.77 -1.83
C LYS A 248 -1.88 18.54 -1.84
N ILE A 249 -1.35 18.18 -0.68
CA ILE A 249 -0.57 16.95 -0.55
C ILE A 249 -1.46 15.97 0.20
N PRO A 250 -1.94 14.92 -0.45
CA PRO A 250 -2.89 14.02 0.21
C PRO A 250 -2.23 13.24 1.34
N LYS A 251 -3.09 12.79 2.25
CA LYS A 251 -2.69 11.97 3.38
C LYS A 251 -1.81 10.81 2.95
N THR A 252 -0.77 10.56 3.74
CA THR A 252 0.01 9.37 3.63
C THR A 252 0.14 8.77 5.01
N ASP A 253 0.85 7.62 5.10
CA ASP A 253 1.13 7.13 6.45
C ASP A 253 2.19 7.97 7.18
N GLU A 254 2.71 9.04 6.61
CA GLU A 254 3.64 9.91 7.32
C GLU A 254 3.02 11.21 7.77
N HIS A 255 1.91 11.64 7.18
CA HIS A 255 1.39 12.96 7.49
C HIS A 255 -0.07 13.04 7.07
N GLU A 256 -0.81 13.92 7.74
CA GLU A 256 -2.18 14.21 7.36
C GLU A 256 -2.21 14.91 6.00
N GLU A 257 -3.37 14.93 5.36
CA GLU A 257 -3.46 15.71 4.14
C GLU A 257 -3.20 17.17 4.51
N LYS A 258 -2.54 17.90 3.62
CA LYS A 258 -2.25 19.29 3.97
C LYS A 258 -2.18 20.10 2.69
N TRP A 259 -2.59 21.36 2.79
CA TRP A 259 -2.41 22.28 1.69
C TRP A 259 -1.15 23.05 2.00
N VAL A 260 -0.34 23.33 0.97
CA VAL A 260 0.84 24.14 1.18
C VAL A 260 0.82 25.30 0.20
N GLN A 261 1.48 26.40 0.58
CA GLN A 261 1.59 27.57 -0.28
C GLN A 261 2.93 27.48 -1.01
N ALA A 262 2.85 27.32 -2.32
CA ALA A 262 4.00 27.13 -3.18
C ALA A 262 4.17 28.38 -4.04
N TRP A 263 5.33 28.49 -4.68
CA TRP A 263 5.60 29.59 -5.62
C TRP A 263 5.88 29.04 -7.02
N VAL A 264 5.37 29.70 -8.06
CA VAL A 264 5.75 29.39 -9.45
C VAL A 264 7.14 29.95 -9.70
N ILE A 265 8.11 29.08 -10.02
CA ILE A 265 9.47 29.54 -10.28
C ILE A 265 9.99 29.16 -11.65
N ASP A 266 9.19 28.54 -12.49
CA ASP A 266 9.60 28.25 -13.86
C ASP A 266 8.35 27.93 -14.68
N HIS A 267 8.54 27.84 -16.00
CA HIS A 267 7.57 27.33 -16.95
C HIS A 267 8.05 25.95 -17.39
N ASN A 268 7.13 25.11 -17.84
CA ASN A 268 7.52 23.79 -18.31
C ASN A 268 6.66 23.45 -19.51
N LEU A 269 7.02 22.35 -20.20
CA LEU A 269 6.25 21.89 -21.36
C LEU A 269 5.03 21.09 -20.91
N GLY A 270 5.26 20.06 -20.10
CA GLY A 270 4.16 19.28 -19.56
C GLY A 270 3.42 18.46 -20.59
N ASN A 271 4.07 18.14 -21.73
CA ASN A 271 3.37 17.39 -22.78
C ASN A 271 3.61 15.89 -22.62
N TRP A 272 3.17 15.35 -21.47
CA TRP A 272 3.24 13.92 -21.20
C TRP A 272 1.84 13.37 -20.96
N ASP A 273 1.73 12.04 -21.12
CA ASP A 273 0.50 11.32 -20.83
C ASP A 273 0.51 10.92 -19.35
N LYS A 274 -0.48 10.14 -18.94
CA LYS A 274 -0.65 9.81 -17.54
C LYS A 274 0.57 9.07 -16.98
N ASP A 275 1.30 8.35 -17.82
CA ASP A 275 2.48 7.57 -17.40
C ASP A 275 3.79 8.33 -17.56
N GLY A 276 3.73 9.55 -18.05
CA GLY A 276 4.92 10.37 -18.19
C GLY A 276 5.58 10.34 -19.56
N LYS A 277 4.98 9.63 -20.53
CA LYS A 277 5.55 9.57 -21.86
C LYS A 277 5.29 10.90 -22.56
N GLU A 278 6.34 11.54 -23.07
CA GLU A 278 6.25 12.85 -23.69
C GLU A 278 6.17 12.71 -25.20
N ASN A 279 5.39 13.59 -25.82
CA ASN A 279 5.29 13.62 -27.28
C ASN A 279 5.01 15.06 -27.70
N ASP A 280 5.65 15.52 -28.78
CA ASP A 280 5.51 16.90 -29.20
C ASP A 280 4.08 17.27 -29.56
N ALA A 281 3.23 16.30 -29.93
CA ALA A 281 1.84 16.60 -30.24
C ALA A 281 0.92 16.56 -29.02
N TYR A 282 1.43 16.16 -27.85
CA TYR A 282 0.53 16.01 -26.71
C TYR A 282 0.21 17.38 -26.09
N PRO A 283 -0.96 17.49 -25.47
CA PRO A 283 -1.31 18.75 -24.78
C PRO A 283 -0.26 19.16 -23.75
N LYS A 284 0.07 20.45 -23.74
CA LYS A 284 0.99 21.02 -22.74
C LYS A 284 0.17 21.39 -21.48
N ASP A 285 -0.09 20.37 -20.64
CA ASP A 285 -0.94 20.58 -19.46
C ASP A 285 -0.35 20.02 -18.17
N GLY A 286 0.79 19.27 -18.21
CA GLY A 286 1.37 18.76 -16.98
C GLY A 286 2.14 19.84 -16.23
N VAL A 287 2.32 19.68 -14.92
CA VAL A 287 3.03 20.69 -14.10
C VAL A 287 4.26 20.02 -13.49
N LEU A 288 5.14 20.84 -12.89
CA LEU A 288 6.33 20.37 -12.16
C LEU A 288 6.17 20.73 -10.69
N ILE A 289 6.54 19.80 -9.79
CA ILE A 289 6.60 20.06 -8.36
C ILE A 289 7.98 19.66 -7.87
N ASP A 290 8.49 20.42 -6.90
CA ASP A 290 9.88 20.23 -6.51
C ASP A 290 10.07 18.82 -5.91
N THR A 291 11.31 18.31 -6.00
CA THR A 291 11.59 16.93 -5.58
C THR A 291 11.24 16.67 -4.11
N ASN A 292 11.46 17.63 -3.21
CA ASN A 292 11.12 17.37 -1.81
C ASN A 292 9.61 17.20 -1.61
N MET A 293 8.81 18.14 -2.17
CA MET A 293 7.37 17.99 -2.23
C MET A 293 6.95 16.66 -2.82
N TYR A 294 7.50 16.34 -3.98
CA TYR A 294 7.14 15.12 -4.70
C TYR A 294 7.19 13.90 -3.78
N GLU A 295 8.29 13.72 -3.03
CA GLU A 295 8.43 12.52 -2.18
C GLU A 295 7.38 12.50 -1.06
N GLN A 296 6.86 13.66 -0.63
CA GLN A 296 5.77 13.76 0.34
C GLN A 296 4.47 13.17 -0.16
N PHE A 297 4.32 12.94 -1.47
CA PHE A 297 3.09 12.32 -1.97
C PHE A 297 3.03 10.81 -1.73
N PHE A 298 4.12 10.20 -1.27
CA PHE A 298 4.21 8.76 -1.15
C PHE A 298 4.37 8.33 0.29
N ASP A 299 3.82 7.16 0.57
CA ASP A 299 3.99 6.49 1.85
C ASP A 299 5.47 6.21 2.13
N LYS A 300 5.76 5.97 3.43
CA LYS A 300 7.11 5.72 3.91
C LYS A 300 7.85 4.71 3.05
N ASN A 301 7.20 3.61 2.71
CA ASN A 301 7.91 2.57 1.98
C ASN A 301 7.49 2.51 0.51
N LYS A 302 7.06 3.66 -0.03
CA LYS A 302 6.77 3.78 -1.45
C LYS A 302 7.44 5.00 -2.07
N LYS A 303 8.60 5.41 -1.55
CA LYS A 303 9.29 6.56 -2.14
C LYS A 303 9.84 6.18 -3.51
N VAL A 304 10.14 7.20 -4.30
CA VAL A 304 10.51 7.07 -5.71
C VAL A 304 11.81 7.85 -5.89
N PRO A 305 12.95 7.26 -5.57
CA PRO A 305 14.18 8.03 -5.48
C PRO A 305 14.68 8.48 -6.85
N ASP A 306 14.21 7.89 -7.95
CA ASP A 306 14.63 8.41 -9.24
C ASP A 306 13.55 9.23 -9.91
N TYR A 307 12.46 9.53 -9.21
CA TYR A 307 11.40 10.42 -9.75
C TYR A 307 10.79 9.87 -11.02
N SER A 308 10.82 8.55 -11.22
CA SER A 308 10.33 7.99 -12.47
C SER A 308 8.81 7.92 -12.58
N LYS A 309 8.04 8.17 -11.53
CA LYS A 309 6.59 8.04 -11.56
C LYS A 309 5.97 9.42 -11.63
N THR A 310 4.95 9.58 -12.47
CA THR A 310 4.16 10.83 -12.35
C THR A 310 3.31 10.77 -11.08
N VAL A 311 2.88 11.93 -10.60
CA VAL A 311 1.93 11.97 -9.48
C VAL A 311 0.82 12.95 -9.81
N PRO A 312 -0.44 12.63 -9.51
CA PRO A 312 -1.53 13.60 -9.69
C PRO A 312 -1.42 14.67 -8.61
N VAL A 313 -1.71 15.93 -8.99
CA VAL A 313 -1.57 17.09 -8.11
C VAL A 313 -2.79 17.97 -8.32
N GLU A 314 -3.46 18.29 -7.22
CA GLU A 314 -4.56 19.25 -7.19
C GLU A 314 -4.03 20.59 -6.67
N TRP A 315 -4.28 21.68 -7.40
CA TRP A 315 -3.68 22.96 -7.04
C TRP A 315 -4.49 24.09 -7.65
N PHE A 316 -4.18 25.33 -7.23
CA PHE A 316 -4.83 26.49 -7.85
C PHE A 316 -3.97 27.70 -7.53
N PHE A 317 -4.25 28.81 -8.21
CA PHE A 317 -3.49 30.05 -7.97
C PHE A 317 -4.13 30.77 -6.79
N LEU A 318 -3.30 31.06 -5.79
CA LEU A 318 -3.81 31.57 -4.52
C LEU A 318 -4.46 32.95 -4.66
N ASP A 319 -3.94 33.79 -5.54
CA ASP A 319 -4.38 35.18 -5.61
C ASP A 319 -5.15 35.49 -6.89
N ILE A 320 -5.48 34.50 -7.70
CA ILE A 320 -6.26 34.71 -8.92
C ILE A 320 -7.66 34.21 -8.65
N ASN A 321 -8.66 35.10 -8.77
CA ASN A 321 -10.05 34.79 -8.42
C ASN A 321 -10.89 35.62 -9.38
N THR A 322 -11.06 35.11 -10.58
CA THR A 322 -11.68 35.89 -11.64
C THR A 322 -12.84 35.17 -12.33
N VAL A 323 -13.19 33.95 -11.90
CA VAL A 323 -14.31 33.24 -12.50
C VAL A 323 -15.30 32.82 -11.43
N GLY A 324 -16.57 33.13 -11.65
CA GLY A 324 -17.62 32.69 -10.72
C GLY A 324 -18.20 31.29 -11.06
N GLN B 127 -33.36 -0.10 -34.15
CA GLN B 127 -32.28 0.32 -33.21
C GLN B 127 -30.93 0.53 -33.91
N LYS B 128 -30.44 1.76 -33.86
CA LYS B 128 -29.14 2.08 -34.43
C LYS B 128 -28.04 1.36 -33.64
N ASN B 129 -27.14 0.68 -34.32
CA ASN B 129 -26.13 -0.13 -33.64
C ASN B 129 -24.86 -0.21 -34.49
N PRO B 130 -23.74 0.43 -34.08
CA PRO B 130 -23.52 1.19 -32.83
C PRO B 130 -24.37 2.45 -32.78
N GLU B 131 -24.58 2.92 -31.56
CA GLU B 131 -25.43 4.08 -31.38
C GLU B 131 -24.72 5.34 -31.85
N PHE B 132 -23.39 5.37 -31.78
CA PHE B 132 -22.58 6.54 -32.15
C PHE B 132 -21.37 6.05 -32.91
N GLY B 133 -20.94 6.84 -33.88
CA GLY B 133 -19.68 6.52 -34.50
C GLY B 133 -19.83 5.50 -35.60
N MET B 134 -18.67 5.03 -36.03
CA MET B 134 -18.52 4.09 -37.12
C MET B 134 -18.88 2.65 -36.76
N ASN B 135 -19.25 1.85 -37.79
CA ASN B 135 -19.49 0.41 -37.63
C ASN B 135 -18.12 -0.27 -37.65
N LEU B 136 -17.62 -0.54 -36.46
CA LEU B 136 -16.27 -1.08 -36.31
C LEU B 136 -16.17 -2.49 -36.90
N ALA B 137 -17.20 -3.32 -36.73
CA ALA B 137 -17.12 -4.67 -37.32
C ALA B 137 -16.95 -4.58 -38.83
N ASN B 138 -17.75 -3.71 -39.47
CA ASN B 138 -17.64 -3.60 -40.93
C ASN B 138 -16.22 -3.23 -41.35
N GLN B 139 -15.51 -2.37 -40.56
CA GLN B 139 -14.14 -1.99 -40.95
C GLN B 139 -13.24 -3.21 -41.05
N TYR B 140 -13.44 -4.18 -40.16
CA TYR B 140 -12.63 -5.40 -40.16
C TYR B 140 -13.11 -6.41 -41.21
N ILE B 141 -14.42 -6.63 -41.27
CA ILE B 141 -14.93 -7.69 -42.11
C ILE B 141 -15.04 -7.28 -43.57
N ILE B 142 -15.55 -6.08 -43.85
CA ILE B 142 -15.70 -5.63 -45.24
C ILE B 142 -14.46 -4.88 -45.72
N ARG B 143 -13.90 -3.98 -44.93
CA ARG B 143 -12.77 -3.16 -45.37
C ARG B 143 -11.40 -3.64 -44.86
N LYS B 144 -11.32 -4.84 -44.30
CA LYS B 144 -10.04 -5.50 -43.96
C LYS B 144 -9.15 -4.67 -43.03
N GLY B 145 -9.73 -4.08 -41.98
CA GLY B 145 -8.96 -3.33 -41.02
C GLY B 145 -8.33 -2.07 -41.55
N ALA B 146 -8.65 -1.67 -42.76
CA ALA B 146 -8.07 -0.47 -43.34
C ALA B 146 -8.48 0.79 -42.58
N GLY B 147 -7.54 1.71 -42.48
CA GLY B 147 -7.79 2.99 -41.86
C GLY B 147 -7.79 2.92 -40.34
N LEU B 148 -7.29 1.83 -39.76
CA LEU B 148 -7.29 1.68 -38.30
C LEU B 148 -5.86 1.80 -37.79
N PRO B 149 -5.65 2.18 -36.53
CA PRO B 149 -4.27 2.29 -36.01
C PRO B 149 -3.61 0.92 -35.83
N PRO B 150 -2.28 0.86 -35.81
CA PRO B 150 -1.61 -0.43 -35.56
C PRO B 150 -1.97 -0.91 -34.16
N ALA B 151 -2.35 -2.19 -34.07
CA ALA B 151 -2.80 -2.73 -32.79
C ALA B 151 -1.65 -2.85 -31.78
N LYS B 152 -1.98 -2.60 -30.52
CA LYS B 152 -1.10 -2.90 -29.38
C LYS B 152 -1.71 -4.06 -28.60
N ASP B 153 -1.02 -4.45 -27.52
CA ASP B 153 -1.40 -5.59 -26.68
C ASP B 153 -2.10 -5.08 -25.43
N VAL B 154 -3.26 -5.68 -25.11
CA VAL B 154 -4.01 -5.26 -23.93
C VAL B 154 -3.20 -5.38 -22.63
N LYS B 155 -2.15 -6.24 -22.59
CA LYS B 155 -1.34 -6.32 -21.37
C LYS B 155 -0.76 -4.95 -21.01
N GLU B 156 -0.51 -4.10 -22.01
CA GLU B 156 0.10 -2.82 -21.70
C GLU B 156 -0.90 -1.84 -21.06
N THR B 157 -2.22 -2.10 -21.14
CA THR B 157 -3.18 -1.20 -20.50
C THR B 157 -3.16 -1.33 -18.97
N TYR B 158 -2.68 -2.42 -18.41
CA TYR B 158 -2.72 -2.61 -16.95
C TYR B 158 -1.57 -3.51 -16.53
N PRO B 159 -0.36 -2.98 -16.53
CA PRO B 159 0.81 -3.78 -16.08
C PRO B 159 0.67 -4.44 -14.72
N GLU B 160 0.05 -3.78 -13.76
CA GLU B 160 0.01 -4.35 -12.42
C GLU B 160 -1.16 -5.31 -12.22
N CYS B 161 -1.95 -5.56 -13.26
CA CYS B 161 -3.00 -6.60 -13.16
C CYS B 161 -2.35 -7.96 -13.33
N LYS B 162 -2.15 -8.72 -12.23
CA LYS B 162 -1.30 -9.91 -12.23
C LYS B 162 -2.04 -11.03 -11.52
N TRP B 163 -1.61 -12.26 -11.79
CA TRP B 163 -2.11 -13.43 -11.06
C TRP B 163 -1.45 -13.49 -9.70
N ARG B 164 -2.21 -13.18 -8.62
CA ARG B 164 -1.65 -12.99 -7.28
C ARG B 164 -2.44 -13.81 -6.28
N HIS B 165 -1.88 -13.99 -5.08
CA HIS B 165 -2.54 -14.81 -4.04
C HIS B 165 -2.97 -13.90 -2.91
N TYR B 166 -4.21 -14.07 -2.46
CA TYR B 166 -4.76 -13.26 -1.40
C TYR B 166 -5.85 -14.05 -0.68
N ALA B 167 -5.77 -14.09 0.64
CA ALA B 167 -6.82 -14.68 1.48
C ALA B 167 -7.23 -16.06 0.99
N GLY B 168 -6.24 -16.90 0.75
CA GLY B 168 -6.51 -18.29 0.36
C GLY B 168 -7.10 -18.56 -1.02
N SER B 169 -7.01 -17.60 -1.96
CA SER B 169 -7.39 -17.83 -3.36
C SER B 169 -6.37 -17.13 -4.25
N PHE B 170 -6.11 -17.71 -5.42
CA PHE B 170 -5.42 -16.96 -6.47
C PHE B 170 -6.46 -16.18 -7.25
N GLY B 171 -6.04 -15.03 -7.79
CA GLY B 171 -6.96 -14.26 -8.61
C GLY B 171 -6.23 -13.16 -9.33
N TRP B 172 -6.93 -12.49 -10.26
CA TRP B 172 -6.38 -11.34 -10.97
C TRP B 172 -6.50 -10.14 -10.03
N LEU B 173 -5.36 -9.69 -9.47
CA LEU B 173 -5.36 -8.63 -8.48
C LEU B 173 -4.31 -7.59 -8.86
N ASP B 174 -4.56 -6.34 -8.51
CA ASP B 174 -3.55 -5.33 -8.80
C ASP B 174 -2.54 -5.23 -7.65
N ASP B 175 -1.74 -4.17 -7.68
CA ASP B 175 -0.69 -3.95 -6.71
C ASP B 175 -1.22 -3.50 -5.33
N TYR B 176 -2.53 -3.33 -5.16
CA TYR B 176 -3.14 -3.07 -3.86
C TYR B 176 -4.13 -4.17 -3.47
N ASN B 177 -4.01 -5.33 -4.10
CA ASN B 177 -4.87 -6.48 -3.87
C ASN B 177 -6.35 -6.21 -4.21
N VAL B 178 -6.61 -5.32 -5.15
CA VAL B 178 -7.98 -5.10 -5.62
C VAL B 178 -8.18 -5.92 -6.89
N GLN B 179 -9.33 -6.61 -6.98
CA GLN B 179 -9.58 -7.43 -8.15
C GLN B 179 -9.51 -6.56 -9.38
N CYS B 180 -8.93 -7.09 -10.46
CA CYS B 180 -8.83 -6.32 -11.72
C CYS B 180 -9.17 -7.24 -12.88
N TYR B 181 -9.46 -6.63 -14.04
CA TYR B 181 -9.69 -7.40 -15.26
C TYR B 181 -9.42 -6.46 -16.43
N LEU B 182 -9.25 -7.05 -17.60
CA LEU B 182 -8.76 -6.30 -18.75
C LEU B 182 -9.89 -6.05 -19.75
N SER B 183 -9.71 -5.03 -20.60
CA SER B 183 -10.75 -4.58 -21.53
C SER B 183 -10.16 -4.45 -22.93
N PRO B 184 -9.80 -5.59 -23.57
CA PRO B 184 -9.21 -5.52 -24.90
C PRO B 184 -10.19 -4.91 -25.90
N SER B 185 -9.66 -4.02 -26.75
CA SER B 185 -10.41 -3.23 -27.73
C SER B 185 -9.70 -3.36 -29.07
N TYR B 186 -10.23 -2.70 -30.10
CA TYR B 186 -9.57 -2.73 -31.41
C TYR B 186 -8.21 -2.06 -31.38
N LYS B 187 -7.92 -1.22 -30.36
CA LYS B 187 -6.61 -0.61 -30.17
C LYS B 187 -5.66 -1.49 -29.36
N PHE B 188 -6.21 -2.39 -28.51
CA PHE B 188 -5.45 -3.16 -27.52
C PHE B 188 -5.97 -4.60 -27.59
N HIS B 189 -5.41 -5.40 -28.49
CA HIS B 189 -5.90 -6.78 -28.68
C HIS B 189 -5.42 -7.72 -27.57
N ALA B 190 -6.23 -8.76 -27.32
CA ALA B 190 -5.84 -9.82 -26.40
C ALA B 190 -5.20 -10.91 -27.25
N HIS B 191 -4.10 -11.47 -26.76
CA HIS B 191 -3.40 -12.60 -27.38
C HIS B 191 -3.51 -13.76 -26.38
N SER B 192 -4.40 -14.70 -26.66
CA SER B 192 -4.73 -15.74 -25.69
C SER B 192 -4.33 -17.11 -26.22
N ILE B 193 -4.32 -18.09 -25.32
CA ILE B 193 -4.20 -19.51 -25.67
C ILE B 193 -5.62 -20.09 -25.55
N ALA B 194 -6.14 -20.66 -26.63
CA ALA B 194 -7.51 -21.14 -26.68
C ALA B 194 -7.59 -22.67 -26.73
N LYS B 195 -8.68 -23.18 -26.18
CA LYS B 195 -9.13 -24.55 -26.36
C LYS B 195 -10.50 -24.50 -27.03
N ALA B 196 -10.89 -25.60 -27.66
CA ALA B 196 -12.19 -25.65 -28.30
C ALA B 196 -13.27 -25.93 -27.27
N PHE B 197 -14.51 -25.54 -27.58
CA PHE B 197 -15.68 -25.98 -26.82
C PHE B 197 -16.85 -26.11 -27.78
N LYS B 198 -17.82 -26.96 -27.41
CA LYS B 198 -19.00 -27.10 -28.23
C LYS B 198 -19.97 -26.00 -27.82
N ALA B 199 -20.34 -25.15 -28.81
CA ALA B 199 -21.11 -23.96 -28.48
C ALA B 199 -22.53 -24.30 -28.06
N GLU B 200 -23.18 -25.23 -28.77
CA GLU B 200 -24.62 -25.43 -28.56
C GLU B 200 -25.00 -25.67 -27.09
N PRO B 201 -24.32 -26.55 -26.33
CA PRO B 201 -24.64 -26.68 -24.90
C PRO B 201 -24.64 -25.38 -24.11
N SER B 202 -23.72 -24.44 -24.42
CA SER B 202 -23.70 -23.17 -23.69
C SER B 202 -24.81 -22.23 -24.06
N THR B 203 -25.61 -22.53 -25.06
CA THR B 203 -26.80 -21.74 -25.29
C THR B 203 -27.98 -22.26 -24.48
N LYS B 204 -27.81 -23.36 -23.73
CA LYS B 204 -28.87 -23.96 -22.93
C LYS B 204 -28.52 -24.07 -21.45
N ALA B 205 -27.26 -23.84 -21.08
CA ALA B 205 -26.75 -23.96 -19.71
C ALA B 205 -25.43 -23.20 -19.65
N GLY B 206 -24.89 -23.06 -18.44
CA GLY B 206 -23.63 -22.35 -18.25
C GLY B 206 -23.83 -20.96 -17.67
N ALA B 207 -22.76 -20.16 -17.75
CA ALA B 207 -22.75 -18.88 -17.05
C ALA B 207 -23.60 -17.80 -17.71
N CYS B 208 -23.90 -17.88 -19.01
CA CYS B 208 -24.49 -16.76 -19.74
C CYS B 208 -25.90 -17.04 -20.25
N PHE B 209 -26.32 -18.28 -20.28
CA PHE B 209 -27.43 -18.59 -21.17
C PHE B 209 -28.71 -17.89 -20.76
N ASP B 210 -28.88 -17.62 -19.47
CA ASP B 210 -30.08 -16.94 -18.97
C ASP B 210 -29.87 -15.44 -18.72
N THR B 211 -28.74 -14.88 -19.16
CA THR B 211 -28.58 -13.42 -19.22
C THR B 211 -29.59 -12.86 -20.22
N ALA B 212 -30.15 -11.68 -19.94
CA ALA B 212 -31.05 -11.07 -20.93
C ALA B 212 -30.39 -10.93 -22.31
N ASN B 213 -31.17 -11.23 -23.37
CA ASN B 213 -30.65 -11.08 -24.72
C ASN B 213 -30.30 -9.61 -25.00
N THR B 214 -29.20 -9.39 -25.69
CA THR B 214 -28.74 -8.05 -26.04
C THR B 214 -29.05 -7.77 -27.51
N ASP B 215 -28.82 -6.52 -27.93
CA ASP B 215 -29.24 -6.14 -29.27
C ASP B 215 -28.51 -6.94 -30.32
N GLN B 216 -29.27 -7.54 -31.24
CA GLN B 216 -28.78 -8.40 -32.33
C GLN B 216 -28.27 -9.77 -31.86
N PHE B 217 -28.44 -10.11 -30.61
CA PHE B 217 -27.98 -11.42 -30.15
C PHE B 217 -28.77 -12.49 -30.89
N PRO B 218 -28.11 -13.51 -31.44
CA PRO B 218 -28.82 -14.48 -32.30
C PRO B 218 -29.78 -15.38 -31.55
N GLU B 219 -30.80 -15.83 -32.27
CA GLU B 219 -31.59 -16.94 -31.81
C GLU B 219 -30.83 -18.22 -32.20
N GLY B 220 -30.89 -19.24 -31.37
CA GLY B 220 -30.14 -20.43 -31.72
C GLY B 220 -28.66 -20.34 -31.35
N VAL B 221 -27.78 -20.90 -32.16
CA VAL B 221 -26.35 -20.92 -31.84
C VAL B 221 -25.66 -19.86 -32.70
N PRO B 222 -24.87 -18.94 -32.11
CA PRO B 222 -24.18 -17.95 -32.93
C PRO B 222 -23.28 -18.64 -33.94
N LYS B 223 -23.01 -17.98 -35.06
CA LYS B 223 -22.07 -18.53 -36.05
C LYS B 223 -20.69 -18.71 -35.44
N TYR B 224 -20.24 -17.73 -34.63
CA TYR B 224 -18.97 -17.79 -33.94
C TYR B 224 -19.19 -17.50 -32.46
N SER B 225 -18.67 -18.36 -31.59
CA SER B 225 -18.89 -18.26 -30.14
C SER B 225 -17.58 -18.39 -29.40
N ILE B 226 -17.45 -17.67 -28.29
CA ILE B 226 -16.26 -17.80 -27.43
C ILE B 226 -16.71 -17.86 -25.98
N GLY B 227 -15.80 -18.29 -25.13
CA GLY B 227 -15.98 -18.16 -23.70
C GLY B 227 -14.77 -17.48 -23.11
N VAL B 228 -14.98 -16.72 -22.03
CA VAL B 228 -13.90 -15.90 -21.47
C VAL B 228 -13.71 -16.16 -19.99
N PRO B 229 -12.47 -16.06 -19.51
CA PRO B 229 -12.17 -16.25 -18.08
C PRO B 229 -12.15 -14.96 -17.26
N TYR B 230 -11.80 -15.10 -15.96
CA TYR B 230 -11.78 -13.97 -15.03
C TYR B 230 -10.78 -12.88 -15.40
N LEU B 231 -9.75 -13.17 -16.23
CA LEU B 231 -8.88 -12.08 -16.67
C LEU B 231 -9.70 -10.98 -17.38
N TYR B 232 -10.86 -11.33 -17.94
CA TYR B 232 -11.61 -10.40 -18.79
C TYR B 232 -13.02 -10.08 -18.29
N MET B 233 -13.36 -10.40 -17.04
CA MET B 233 -14.72 -10.08 -16.62
C MET B 233 -14.75 -10.03 -15.09
N ASN B 234 -15.86 -9.52 -14.56
CA ASN B 234 -16.15 -9.59 -13.13
C ASN B 234 -17.46 -10.34 -13.03
N ASN B 235 -17.46 -11.49 -12.34
CA ASN B 235 -18.61 -12.37 -12.45
C ASN B 235 -19.80 -11.87 -11.67
N LEU B 236 -19.64 -10.83 -10.84
CA LEU B 236 -20.79 -10.31 -10.12
C LEU B 236 -21.39 -9.11 -10.86
N TYR B 237 -20.56 -8.24 -11.44
CA TYR B 237 -21.06 -6.95 -11.93
C TYR B 237 -20.66 -6.59 -13.35
N ASP B 238 -19.78 -7.35 -14.01
CA ASP B 238 -19.40 -6.96 -15.38
C ASP B 238 -19.11 -8.26 -16.10
N ARG B 239 -20.17 -9.05 -16.30
CA ARG B 239 -20.01 -10.45 -16.69
C ARG B 239 -19.73 -10.61 -18.17
N ARG B 240 -20.06 -9.61 -18.99
CA ARG B 240 -19.77 -9.64 -20.41
C ARG B 240 -20.38 -10.85 -21.07
N CYS B 241 -21.52 -11.31 -20.54
CA CYS B 241 -22.34 -12.33 -21.19
C CYS B 241 -23.08 -11.73 -22.40
N LYS B 242 -23.09 -12.47 -23.51
CA LYS B 242 -23.81 -12.09 -24.72
C LYS B 242 -23.36 -10.72 -25.23
N VAL B 243 -22.06 -10.48 -25.22
CA VAL B 243 -21.49 -9.29 -25.85
C VAL B 243 -20.67 -9.75 -27.06
N ARG B 244 -20.36 -8.79 -27.95
CA ARG B 244 -19.68 -9.12 -29.21
C ARG B 244 -18.16 -9.06 -29.07
N ALA B 245 -17.47 -9.97 -29.78
CA ALA B 245 -16.03 -9.93 -29.80
C ALA B 245 -15.58 -10.12 -31.23
N MET B 246 -14.47 -9.50 -31.60
CA MET B 246 -13.87 -9.74 -32.91
C MET B 246 -12.79 -10.77 -32.68
N VAL B 247 -12.74 -11.77 -33.55
CA VAL B 247 -11.73 -12.82 -33.40
C VAL B 247 -11.02 -12.99 -34.73
N LYS B 248 -9.70 -13.12 -34.68
CA LYS B 248 -8.95 -13.33 -35.90
C LYS B 248 -8.73 -14.84 -36.18
N ILE B 249 -9.12 -15.28 -37.36
CA ILE B 249 -8.83 -16.66 -37.79
C ILE B 249 -7.64 -16.59 -38.73
N PRO B 250 -6.53 -17.28 -38.41
CA PRO B 250 -5.30 -17.10 -39.16
C PRO B 250 -5.39 -17.73 -40.55
N LYS B 251 -4.51 -17.29 -41.43
CA LYS B 251 -4.38 -17.89 -42.76
C LYS B 251 -4.06 -19.37 -42.64
N THR B 252 -4.73 -20.21 -43.45
CA THR B 252 -4.37 -21.62 -43.62
C THR B 252 -4.24 -21.90 -45.11
N ASP B 253 -3.87 -23.15 -45.48
CA ASP B 253 -3.95 -23.49 -46.88
C ASP B 253 -5.39 -23.59 -47.38
N GLU B 254 -6.39 -23.34 -46.54
CA GLU B 254 -7.76 -23.41 -46.98
C GLU B 254 -8.37 -22.04 -47.18
N HIS B 255 -7.82 -21.00 -46.53
CA HIS B 255 -8.48 -19.71 -46.56
C HIS B 255 -7.49 -18.66 -46.11
N GLU B 256 -7.77 -17.43 -46.51
CA GLU B 256 -6.95 -16.31 -46.07
C GLU B 256 -7.25 -15.98 -44.63
N GLU B 257 -6.36 -15.22 -44.02
CA GLU B 257 -6.61 -14.70 -42.68
C GLU B 257 -7.89 -13.85 -42.70
N LYS B 258 -8.71 -13.96 -41.65
CA LYS B 258 -9.93 -13.16 -41.64
C LYS B 258 -10.38 -12.88 -40.19
N TRP B 259 -11.05 -11.75 -40.03
CA TRP B 259 -11.65 -11.39 -38.75
C TRP B 259 -13.13 -11.72 -38.79
N VAL B 260 -13.65 -12.26 -37.70
CA VAL B 260 -15.07 -12.60 -37.64
C VAL B 260 -15.66 -12.01 -36.38
N GLN B 261 -16.96 -11.79 -36.41
CA GLN B 261 -17.68 -11.24 -35.27
C GLN B 261 -18.31 -12.38 -34.49
N ALA B 262 -17.85 -12.57 -33.25
CA ALA B 262 -18.28 -13.65 -32.38
C ALA B 262 -19.06 -13.10 -31.18
N TRP B 263 -19.69 -14.03 -30.44
CA TRP B 263 -20.47 -13.71 -29.25
C TRP B 263 -19.94 -14.50 -28.05
N VAL B 264 -19.83 -13.82 -26.93
CA VAL B 264 -19.43 -14.47 -25.67
C VAL B 264 -20.66 -15.20 -25.18
N ILE B 265 -20.59 -16.52 -25.07
CA ILE B 265 -21.77 -17.25 -24.61
C ILE B 265 -21.50 -18.08 -23.37
N ASP B 266 -20.31 -17.99 -22.80
CA ASP B 266 -20.05 -18.70 -21.55
C ASP B 266 -18.82 -18.09 -20.89
N HIS B 267 -18.59 -18.50 -19.65
CA HIS B 267 -17.36 -18.22 -18.94
C HIS B 267 -16.57 -19.52 -18.84
N ASN B 268 -15.26 -19.42 -18.69
CA ASN B 268 -14.45 -20.61 -18.55
C ASN B 268 -13.36 -20.40 -17.51
N LEU B 269 -12.64 -21.49 -17.17
CA LEU B 269 -11.51 -21.37 -16.25
C LEU B 269 -10.26 -20.88 -16.95
N GLY B 270 -9.82 -21.58 -18.00
CA GLY B 270 -8.66 -21.08 -18.75
C GLY B 270 -7.32 -21.21 -18.05
N ASN B 271 -7.23 -22.08 -17.03
CA ASN B 271 -5.99 -22.18 -16.25
C ASN B 271 -5.09 -23.25 -16.84
N TRP B 272 -4.72 -23.08 -18.10
CA TRP B 272 -3.74 -23.95 -18.75
C TRP B 272 -2.55 -23.16 -19.25
N ASP B 273 -1.43 -23.86 -19.40
CA ASP B 273 -0.24 -23.26 -19.98
C ASP B 273 -0.35 -23.26 -21.51
N LYS B 274 0.71 -22.81 -22.18
CA LYS B 274 0.62 -22.62 -23.64
C LYS B 274 0.31 -23.93 -24.38
N ASP B 275 0.66 -25.09 -23.78
CA ASP B 275 0.41 -26.41 -24.37
C ASP B 275 -0.91 -27.03 -23.94
N GLY B 276 -1.67 -26.37 -23.05
CA GLY B 276 -2.96 -26.86 -22.62
C GLY B 276 -2.95 -27.64 -21.34
N LYS B 277 -1.79 -27.74 -20.66
CA LYS B 277 -1.72 -28.46 -19.39
C LYS B 277 -2.30 -27.59 -18.27
N GLU B 278 -3.28 -28.12 -17.57
CA GLU B 278 -4.09 -27.40 -16.59
C GLU B 278 -3.63 -27.64 -15.16
N ASN B 279 -3.62 -26.58 -14.36
CA ASN B 279 -3.25 -26.68 -12.95
C ASN B 279 -4.07 -25.65 -12.20
N ASP B 280 -4.62 -26.06 -11.05
CA ASP B 280 -5.41 -25.17 -10.17
C ASP B 280 -4.65 -23.89 -9.81
N ALA B 281 -3.33 -23.90 -9.86
CA ALA B 281 -2.59 -22.69 -9.52
C ALA B 281 -2.30 -21.80 -10.71
N TYR B 282 -2.57 -22.23 -11.94
CA TYR B 282 -2.15 -21.46 -13.11
C TYR B 282 -3.06 -20.25 -13.32
N PRO B 283 -2.55 -19.19 -13.95
CA PRO B 283 -3.40 -18.03 -14.24
C PRO B 283 -4.64 -18.43 -15.04
N LYS B 284 -5.78 -17.84 -14.68
CA LYS B 284 -7.03 -18.05 -15.42
C LYS B 284 -7.11 -17.05 -16.58
N ASP B 285 -6.38 -17.35 -17.68
CA ASP B 285 -6.29 -16.44 -18.83
C ASP B 285 -6.57 -17.06 -20.19
N GLY B 286 -6.73 -18.41 -20.29
CA GLY B 286 -7.10 -19.02 -21.57
C GLY B 286 -8.58 -18.80 -21.91
N VAL B 287 -8.91 -18.87 -23.19
CA VAL B 287 -10.29 -18.63 -23.66
C VAL B 287 -10.77 -19.89 -24.36
N LEU B 288 -12.08 -19.93 -24.67
CA LEU B 288 -12.67 -21.04 -25.45
C LEU B 288 -13.12 -20.46 -26.78
N ILE B 289 -12.93 -21.21 -27.87
CA ILE B 289 -13.48 -20.88 -29.19
C ILE B 289 -14.30 -22.06 -29.68
N ASP B 290 -15.38 -21.80 -30.41
CA ASP B 290 -16.22 -22.94 -30.76
C ASP B 290 -15.52 -23.92 -31.70
N THR B 291 -16.01 -25.19 -31.71
CA THR B 291 -15.31 -26.26 -32.41
C THR B 291 -15.23 -26.00 -33.90
N ASN B 292 -16.26 -25.39 -34.49
CA ASN B 292 -16.22 -25.07 -35.93
C ASN B 292 -15.12 -24.05 -36.24
N MET B 293 -15.10 -22.95 -35.51
CA MET B 293 -14.00 -21.99 -35.65
C MET B 293 -12.64 -22.63 -35.42
N TYR B 294 -12.53 -23.45 -34.36
CA TYR B 294 -11.26 -24.06 -34.01
C TYR B 294 -10.65 -24.83 -35.18
N GLU B 295 -11.45 -25.65 -35.87
CA GLU B 295 -10.88 -26.45 -36.95
C GLU B 295 -10.42 -25.58 -38.11
N GLN B 296 -10.97 -24.36 -38.25
CA GLN B 296 -10.52 -23.43 -39.28
C GLN B 296 -9.15 -22.85 -38.99
N PHE B 297 -8.59 -23.07 -37.81
CA PHE B 297 -7.22 -22.68 -37.52
C PHE B 297 -6.19 -23.62 -38.14
N PHE B 298 -6.60 -24.73 -38.75
CA PHE B 298 -5.68 -25.77 -39.21
C PHE B 298 -5.78 -25.99 -40.71
N ASP B 299 -4.64 -26.33 -41.32
CA ASP B 299 -4.60 -26.72 -42.73
C ASP B 299 -5.48 -27.94 -42.99
N LYS B 300 -5.79 -28.15 -44.28
CA LYS B 300 -6.65 -29.25 -44.69
C LYS B 300 -6.22 -30.58 -44.09
N ASN B 301 -4.93 -30.88 -44.10
CA ASN B 301 -4.45 -32.17 -43.60
C ASN B 301 -3.89 -32.09 -42.17
N LYS B 302 -4.27 -31.06 -41.39
CA LYS B 302 -3.78 -30.94 -40.03
C LYS B 302 -4.93 -30.73 -39.04
N LYS B 303 -6.14 -31.14 -39.39
CA LYS B 303 -7.27 -31.01 -38.49
C LYS B 303 -7.06 -31.83 -37.23
N VAL B 304 -7.72 -31.41 -36.15
CA VAL B 304 -7.56 -31.98 -34.80
C VAL B 304 -8.95 -32.40 -34.34
N PRO B 305 -9.39 -33.61 -34.69
CA PRO B 305 -10.78 -33.99 -34.40
C PRO B 305 -11.07 -34.24 -32.93
N ASP B 306 -10.07 -34.46 -32.09
CA ASP B 306 -10.38 -34.61 -30.67
C ASP B 306 -10.10 -33.33 -29.89
N TYR B 307 -9.74 -32.24 -30.57
CA TYR B 307 -9.56 -30.91 -29.95
C TYR B 307 -8.43 -30.91 -28.93
N SER B 308 -7.44 -31.79 -29.10
CA SER B 308 -6.43 -31.95 -28.07
C SER B 308 -5.32 -30.89 -28.13
N LYS B 309 -5.32 -30.00 -29.12
CA LYS B 309 -4.24 -29.01 -29.28
C LYS B 309 -4.77 -27.61 -28.93
N THR B 310 -4.01 -26.85 -28.16
CA THR B 310 -4.36 -25.43 -28.02
C THR B 310 -3.99 -24.69 -29.28
N VAL B 311 -4.61 -23.51 -29.49
CA VAL B 311 -4.24 -22.62 -30.59
C VAL B 311 -4.09 -21.20 -30.05
N PRO B 312 -3.14 -20.42 -30.53
CA PRO B 312 -3.10 -18.99 -30.14
C PRO B 312 -4.23 -18.24 -30.84
N VAL B 313 -4.88 -17.32 -30.11
CA VAL B 313 -6.02 -16.59 -30.65
C VAL B 313 -5.86 -15.12 -30.32
N GLU B 314 -5.95 -14.27 -31.35
CA GLU B 314 -5.97 -12.82 -31.17
C GLU B 314 -7.42 -12.32 -31.27
N TRP B 315 -7.86 -11.49 -30.32
CA TRP B 315 -9.27 -11.08 -30.25
C TRP B 315 -9.41 -9.82 -29.37
N PHE B 316 -10.61 -9.26 -29.40
CA PHE B 316 -10.93 -8.09 -28.57
C PHE B 316 -12.44 -7.94 -28.50
N PHE B 317 -12.89 -7.12 -27.57
CA PHE B 317 -14.31 -6.83 -27.43
C PHE B 317 -14.70 -5.74 -28.42
N LEU B 318 -15.74 -6.03 -29.19
CA LEU B 318 -16.13 -5.16 -30.30
C LEU B 318 -16.68 -3.82 -29.83
N ASP B 319 -17.39 -3.80 -28.70
CA ASP B 319 -18.06 -2.58 -28.24
C ASP B 319 -17.47 -1.99 -26.98
N ILE B 320 -16.31 -2.47 -26.54
CA ILE B 320 -15.69 -1.92 -25.35
C ILE B 320 -14.48 -1.12 -25.81
N ASN B 321 -14.48 0.17 -25.51
CA ASN B 321 -13.43 1.07 -26.01
C ASN B 321 -13.22 2.10 -24.91
N THR B 322 -12.40 1.73 -23.91
CA THR B 322 -12.35 2.54 -22.68
C THR B 322 -10.94 2.94 -22.27
N VAL B 323 -9.91 2.55 -23.03
CA VAL B 323 -8.52 2.89 -22.68
C VAL B 323 -7.84 3.48 -23.89
N GLY B 324 -7.14 4.61 -23.68
CA GLY B 324 -6.34 5.15 -24.76
C GLY B 324 -4.87 4.66 -24.80
N GLN C 127 24.44 -27.88 1.45
CA GLN C 127 25.33 -27.22 0.47
C GLN C 127 26.36 -26.35 1.17
N LYS C 128 27.63 -26.77 1.11
CA LYS C 128 28.71 -25.97 1.68
C LYS C 128 28.87 -24.68 0.89
N ASN C 129 29.01 -23.55 1.60
CA ASN C 129 29.09 -22.24 0.95
C ASN C 129 29.90 -21.29 1.80
N PRO C 130 31.10 -20.92 1.40
CA PRO C 130 31.77 -21.20 0.13
C PRO C 130 32.11 -22.67 0.03
N GLU C 131 32.23 -23.16 -1.21
CA GLU C 131 32.50 -24.59 -1.40
C GLU C 131 33.91 -24.93 -0.93
N PHE C 132 34.83 -23.98 -1.05
CA PHE C 132 36.22 -24.22 -0.64
C PHE C 132 36.68 -23.03 0.16
N GLY C 133 37.57 -23.28 1.14
CA GLY C 133 38.27 -22.15 1.72
C GLY C 133 37.50 -21.45 2.82
N MET C 134 38.01 -20.30 3.24
CA MET C 134 37.48 -19.64 4.42
C MET C 134 36.20 -18.86 4.09
N ASN C 135 35.40 -18.59 5.14
CA ASN C 135 34.20 -17.77 4.99
C ASN C 135 34.61 -16.30 4.97
N LEU C 136 34.75 -15.74 3.78
CA LEU C 136 35.23 -14.38 3.60
C LEU C 136 34.26 -13.34 4.14
N ALA C 137 32.95 -13.51 3.90
CA ALA C 137 31.94 -12.58 4.42
C ALA C 137 32.09 -12.41 5.93
N ASN C 138 32.23 -13.52 6.67
CA ASN C 138 32.34 -13.38 8.12
C ASN C 138 33.61 -12.65 8.51
N GLN C 139 34.69 -12.83 7.75
CA GLN C 139 35.92 -12.10 8.09
C GLN C 139 35.68 -10.59 8.04
N TYR C 140 34.82 -10.12 7.12
CA TYR C 140 34.51 -8.69 7.06
C TYR C 140 33.43 -8.30 8.06
N ILE C 141 32.35 -9.08 8.12
CA ILE C 141 31.20 -8.69 8.95
C ILE C 141 31.50 -8.85 10.42
N ILE C 142 32.14 -9.95 10.80
CA ILE C 142 32.36 -10.18 12.22
C ILE C 142 33.72 -9.63 12.62
N ARG C 143 34.77 -9.88 11.85
CA ARG C 143 36.12 -9.49 12.24
C ARG C 143 36.62 -8.26 11.49
N LYS C 144 35.74 -7.51 10.84
CA LYS C 144 36.07 -6.18 10.31
C LYS C 144 37.16 -6.24 9.25
N GLY C 145 37.35 -7.36 8.57
CA GLY C 145 38.44 -7.37 7.61
C GLY C 145 39.83 -7.60 8.18
N ALA C 146 39.97 -7.83 9.48
CA ALA C 146 41.30 -8.02 10.06
C ALA C 146 42.05 -9.17 9.41
N GLY C 147 43.38 -9.00 9.28
CA GLY C 147 44.28 -10.04 8.82
C GLY C 147 44.35 -10.12 7.30
N LEU C 148 43.52 -9.41 6.62
CA LEU C 148 43.47 -9.49 5.15
C LEU C 148 44.41 -8.44 4.58
N PRO C 149 44.89 -8.57 3.33
CA PRO C 149 45.90 -7.60 2.85
C PRO C 149 45.27 -6.24 2.64
N PRO C 150 46.02 -5.14 2.81
CA PRO C 150 45.44 -3.82 2.53
C PRO C 150 44.88 -3.79 1.12
N ALA C 151 43.71 -3.20 0.97
CA ALA C 151 43.02 -3.26 -0.32
C ALA C 151 43.73 -2.40 -1.36
N LYS C 152 43.70 -2.85 -2.61
CA LYS C 152 44.05 -2.05 -3.78
C LYS C 152 42.76 -1.66 -4.52
N ASP C 153 42.92 -0.91 -5.60
CA ASP C 153 41.80 -0.43 -6.41
C ASP C 153 41.67 -1.28 -7.66
N VAL C 154 40.46 -1.80 -7.90
CA VAL C 154 40.20 -2.63 -9.08
C VAL C 154 40.63 -1.95 -10.38
N LYS C 155 40.67 -0.61 -10.45
CA LYS C 155 41.15 0.00 -11.70
C LYS C 155 42.56 -0.49 -12.05
N GLU C 156 43.41 -0.75 -11.06
CA GLU C 156 44.77 -1.25 -11.37
C GLU C 156 44.76 -2.62 -12.04
N THR C 157 43.68 -3.39 -11.94
CA THR C 157 43.71 -4.71 -12.56
C THR C 157 43.57 -4.66 -14.08
N TYR C 158 43.08 -3.55 -14.65
CA TYR C 158 42.86 -3.44 -16.10
C TYR C 158 42.97 -1.99 -16.54
N PRO C 159 44.20 -1.45 -16.53
CA PRO C 159 44.41 -0.05 -16.96
C PRO C 159 43.84 0.28 -18.33
N GLU C 160 43.93 -0.62 -19.32
CA GLU C 160 43.42 -0.29 -20.66
C GLU C 160 41.91 -0.49 -20.81
N CYS C 161 41.21 -0.89 -19.75
CA CYS C 161 39.74 -0.93 -19.85
C CYS C 161 39.24 0.48 -19.64
N LYS C 162 38.78 1.12 -20.72
CA LYS C 162 38.40 2.53 -20.68
C LYS C 162 37.06 2.78 -21.38
N TRP C 163 36.47 3.94 -21.10
CA TRP C 163 35.23 4.33 -21.76
C TRP C 163 35.58 4.87 -23.14
N ARG C 164 35.26 4.12 -24.20
CA ARG C 164 35.74 4.46 -25.54
C ARG C 164 34.55 4.50 -26.50
N HIS C 165 34.77 5.05 -27.68
CA HIS C 165 33.73 5.11 -28.71
C HIS C 165 34.09 4.15 -29.83
N TYR C 166 33.15 3.33 -30.27
CA TYR C 166 33.40 2.40 -31.37
C TYR C 166 32.10 2.06 -32.10
N ALA C 167 32.11 2.16 -33.43
CA ALA C 167 30.97 1.75 -34.27
C ALA C 167 29.67 2.39 -33.79
N GLY C 168 29.73 3.70 -33.52
CA GLY C 168 28.55 4.46 -33.15
C GLY C 168 28.11 4.37 -31.70
N SER C 169 28.85 3.70 -30.81
CA SER C 169 28.44 3.63 -29.41
C SER C 169 29.63 3.87 -28.50
N PHE C 170 29.34 4.40 -27.32
CA PHE C 170 30.30 4.38 -26.23
C PHE C 170 30.19 3.04 -25.48
N GLY C 171 31.30 2.60 -24.92
CA GLY C 171 31.31 1.34 -24.20
C GLY C 171 32.64 1.17 -23.51
N TRP C 172 32.66 0.21 -22.59
CA TRP C 172 33.89 -0.18 -21.90
C TRP C 172 34.68 -1.09 -22.84
N LEU C 173 35.82 -0.60 -23.31
CA LEU C 173 36.57 -1.26 -24.38
C LEU C 173 38.05 -1.19 -24.05
N ASP C 174 38.78 -2.23 -24.44
CA ASP C 174 40.20 -2.24 -24.15
C ASP C 174 40.97 -1.57 -25.29
N ASP C 175 42.29 -1.75 -25.30
CA ASP C 175 43.15 -1.11 -26.30
C ASP C 175 43.09 -1.79 -27.67
N TYR C 176 42.33 -2.88 -27.82
CA TYR C 176 42.08 -3.48 -29.12
C TYR C 176 40.59 -3.42 -29.47
N ASN C 177 39.85 -2.54 -28.79
CA ASN C 177 38.43 -2.33 -29.04
C ASN C 177 37.60 -3.58 -28.71
N VAL C 178 38.09 -4.42 -27.79
CA VAL C 178 37.31 -5.56 -27.30
C VAL C 178 36.60 -5.16 -26.01
N GLN C 179 35.31 -5.51 -25.91
CA GLN C 179 34.55 -5.16 -24.72
C GLN C 179 35.25 -5.73 -23.48
N CYS C 180 35.32 -4.93 -22.41
CA CYS C 180 35.92 -5.40 -21.15
C CYS C 180 35.02 -5.03 -19.98
N TYR C 181 35.24 -5.66 -18.82
CA TYR C 181 34.57 -5.28 -17.58
C TYR C 181 35.46 -5.71 -16.42
N LEU C 182 35.22 -5.15 -15.25
CA LEU C 182 36.10 -5.32 -14.09
C LEU C 182 35.52 -6.35 -13.11
N SER C 183 36.41 -6.97 -12.33
CA SER C 183 36.04 -8.01 -11.38
C SER C 183 36.57 -7.65 -9.98
N PRO C 184 36.01 -6.62 -9.33
CA PRO C 184 36.50 -6.26 -8.00
C PRO C 184 36.31 -7.38 -6.99
N SER C 185 37.34 -7.59 -6.18
CA SER C 185 37.39 -8.69 -5.20
C SER C 185 37.82 -8.10 -3.86
N TYR C 186 37.93 -8.96 -2.84
CA TYR C 186 38.42 -8.43 -1.56
C TYR C 186 39.83 -7.88 -1.63
N LYS C 187 40.65 -8.24 -2.63
CA LYS C 187 41.98 -7.66 -2.80
C LYS C 187 41.93 -6.36 -3.61
N PHE C 188 40.92 -6.21 -4.46
CA PHE C 188 40.84 -5.10 -5.42
C PHE C 188 39.44 -4.50 -5.32
N HIS C 189 39.27 -3.53 -4.45
CA HIS C 189 37.94 -2.97 -4.24
C HIS C 189 37.55 -1.99 -5.34
N ALA C 190 36.24 -1.90 -5.60
CA ALA C 190 35.72 -0.84 -6.49
C ALA C 190 35.38 0.38 -5.64
N HIS C 191 35.64 1.57 -6.18
CA HIS C 191 35.28 2.84 -5.51
C HIS C 191 34.37 3.54 -6.51
N SER C 192 33.10 3.61 -6.18
CA SER C 192 32.07 4.04 -7.13
C SER C 192 31.32 5.25 -6.54
N ILE C 193 30.58 5.92 -7.40
CA ILE C 193 29.65 6.98 -7.01
C ILE C 193 28.25 6.37 -7.09
N ALA C 194 27.48 6.36 -5.98
CA ALA C 194 26.20 5.66 -5.98
C ALA C 194 25.04 6.66 -5.94
N LYS C 195 23.92 6.24 -6.50
CA LYS C 195 22.63 6.86 -6.24
C LYS C 195 21.76 5.83 -5.52
N ALA C 196 20.69 6.33 -4.88
CA ALA C 196 19.72 5.46 -4.21
C ALA C 196 18.77 4.83 -5.25
N PHE C 197 18.31 3.61 -4.97
CA PHE C 197 17.17 3.05 -5.69
C PHE C 197 16.28 2.27 -4.75
N LYS C 198 15.04 2.05 -5.21
CA LYS C 198 14.05 1.31 -4.45
C LYS C 198 14.22 -0.17 -4.78
N ALA C 199 14.61 -0.97 -3.78
CA ALA C 199 14.95 -2.38 -4.06
C ALA C 199 13.73 -3.20 -4.46
N GLU C 200 12.62 -3.04 -3.74
CA GLU C 200 11.51 -3.96 -3.97
C GLU C 200 11.04 -4.03 -5.43
N PRO C 201 10.88 -2.94 -6.16
CA PRO C 201 10.48 -3.08 -7.57
C PRO C 201 11.44 -3.91 -8.41
N SER C 202 12.75 -3.87 -8.12
CA SER C 202 13.71 -4.72 -8.82
C SER C 202 13.67 -6.19 -8.42
N THR C 203 12.85 -6.58 -7.41
CA THR C 203 12.58 -8.01 -7.23
C THR C 203 11.41 -8.47 -8.08
N LYS C 204 10.73 -7.57 -8.76
CA LYS C 204 9.57 -7.95 -9.54
C LYS C 204 9.69 -7.62 -11.01
N ALA C 205 10.71 -6.87 -11.43
CA ALA C 205 10.95 -6.48 -12.82
C ALA C 205 12.41 -6.05 -12.91
N GLY C 206 12.87 -5.73 -14.11
CA GLY C 206 14.25 -5.28 -14.27
C GLY C 206 15.14 -6.39 -14.83
N ALA C 207 16.46 -6.14 -14.78
CA ALA C 207 17.39 -6.99 -15.51
C ALA C 207 17.61 -8.35 -14.86
N CYS C 208 17.30 -8.50 -13.56
CA CYS C 208 17.74 -9.68 -12.83
C CYS C 208 16.60 -10.51 -12.24
N PHE C 209 15.40 -9.95 -12.05
CA PHE C 209 14.42 -10.59 -11.16
C PHE C 209 14.06 -11.99 -11.59
N ASP C 210 14.19 -12.30 -12.90
CA ASP C 210 13.83 -13.61 -13.43
C ASP C 210 15.07 -14.48 -13.73
N THR C 211 16.25 -14.07 -13.29
CA THR C 211 17.40 -14.98 -13.25
C THR C 211 17.13 -16.07 -12.22
N ALA C 212 17.59 -17.29 -12.51
CA ALA C 212 17.47 -18.39 -11.55
C ALA C 212 18.07 -18.01 -10.19
N ASN C 213 17.34 -18.31 -9.12
CA ASN C 213 17.83 -18.07 -7.77
C ASN C 213 19.13 -18.82 -7.56
N THR C 214 20.06 -18.19 -6.88
CA THR C 214 21.35 -18.78 -6.57
C THR C 214 21.35 -19.19 -5.10
N ASP C 215 22.42 -19.88 -4.67
CA ASP C 215 22.48 -20.39 -3.32
C ASP C 215 22.38 -19.28 -2.26
N GLN C 216 21.44 -19.47 -1.34
CA GLN C 216 21.12 -18.55 -0.25
C GLN C 216 20.49 -17.24 -0.73
N PHE C 217 20.11 -17.12 -1.99
CA PHE C 217 19.45 -15.89 -2.41
C PHE C 217 18.12 -15.76 -1.68
N PRO C 218 17.81 -14.58 -1.11
CA PRO C 218 16.62 -14.44 -0.26
C PRO C 218 15.34 -14.55 -1.05
N GLU C 219 14.31 -15.08 -0.41
CA GLU C 219 12.97 -14.83 -0.91
C GLU C 219 12.57 -13.40 -0.53
N GLY C 220 11.72 -12.79 -1.33
CA GLY C 220 11.36 -11.43 -0.94
C GLY C 220 12.49 -10.45 -1.20
N VAL C 221 12.64 -9.43 -0.36
CA VAL C 221 13.55 -8.33 -0.68
C VAL C 221 14.81 -8.52 0.16
N PRO C 222 16.01 -8.53 -0.45
CA PRO C 222 17.25 -8.74 0.31
C PRO C 222 17.43 -7.64 1.34
N LYS C 223 18.13 -7.95 2.44
CA LYS C 223 18.31 -6.91 3.45
C LYS C 223 19.11 -5.74 2.88
N TYR C 224 20.10 -6.02 2.03
CA TYR C 224 20.94 -5.01 1.36
C TYR C 224 21.03 -5.34 -0.13
N SER C 225 20.70 -4.37 -0.99
CA SER C 225 20.63 -4.60 -2.43
C SER C 225 21.43 -3.54 -3.18
N ILE C 226 22.01 -3.94 -4.30
CA ILE C 226 22.69 -2.98 -5.18
C ILE C 226 22.33 -3.28 -6.63
N GLY C 227 22.62 -2.33 -7.50
CA GLY C 227 22.54 -2.54 -8.94
C GLY C 227 23.85 -2.09 -9.55
N VAL C 228 24.25 -2.77 -10.64
CA VAL C 228 25.59 -2.49 -11.20
C VAL C 228 25.55 -2.21 -12.69
N PRO C 229 26.48 -1.42 -13.21
CA PRO C 229 26.47 -1.04 -14.64
C PRO C 229 27.41 -1.88 -15.48
N TYR C 230 27.56 -1.52 -16.77
CA TYR C 230 28.37 -2.31 -17.70
C TYR C 230 29.86 -2.32 -17.36
N LEU C 231 30.35 -1.38 -16.53
CA LEU C 231 31.75 -1.47 -16.09
C LEU C 231 32.01 -2.82 -15.40
N TYR C 232 30.97 -3.44 -14.83
CA TYR C 232 31.16 -4.61 -13.97
C TYR C 232 30.42 -5.86 -14.44
N MET C 233 29.92 -5.90 -15.68
CA MET C 233 29.24 -7.10 -16.14
C MET C 233 29.21 -7.12 -17.66
N ASN C 234 28.86 -8.28 -18.20
CA ASN C 234 28.58 -8.45 -19.63
C ASN C 234 27.13 -8.92 -19.70
N ASN C 235 26.29 -8.16 -20.38
CA ASN C 235 24.85 -8.40 -20.28
C ASN C 235 24.37 -9.60 -21.05
N LEU C 236 25.22 -10.21 -21.88
CA LEU C 236 24.82 -11.44 -22.56
C LEU C 236 25.28 -12.68 -21.83
N TYR C 237 26.50 -12.67 -21.28
CA TYR C 237 27.10 -13.91 -20.80
C TYR C 237 27.66 -13.87 -19.39
N ASP C 238 27.69 -12.71 -18.71
CA ASP C 238 28.28 -12.68 -17.36
C ASP C 238 27.56 -11.54 -16.65
N ARG C 239 26.27 -11.77 -16.41
CA ARG C 239 25.38 -10.68 -16.01
C ARG C 239 25.47 -10.36 -14.53
N ARG C 240 25.98 -11.31 -13.72
CA ARG C 240 26.18 -11.10 -12.28
C ARG C 240 24.89 -10.71 -11.57
N CYS C 241 23.77 -11.27 -12.03
CA CYS C 241 22.49 -11.15 -11.36
C CYS C 241 22.45 -12.11 -10.16
N LYS C 242 21.88 -11.64 -9.05
CA LYS C 242 21.72 -12.45 -7.84
C LYS C 242 23.05 -13.02 -7.39
N VAL C 243 24.11 -12.18 -7.44
CA VAL C 243 25.37 -12.56 -6.82
C VAL C 243 25.61 -11.65 -5.61
N ARG C 244 26.55 -12.07 -4.76
CA ARG C 244 26.81 -11.39 -3.50
C ARG C 244 27.90 -10.34 -3.65
N ALA C 245 27.73 -9.18 -2.98
CA ALA C 245 28.74 -8.15 -2.93
C ALA C 245 28.91 -7.69 -1.49
N MET C 246 30.13 -7.39 -1.08
CA MET C 246 30.34 -6.73 0.22
C MET C 246 30.38 -5.22 -0.02
N VAL C 247 29.71 -4.48 0.83
CA VAL C 247 29.59 -3.01 0.65
C VAL C 247 29.98 -2.38 1.99
N LYS C 248 30.85 -1.38 1.94
CA LYS C 248 31.24 -0.68 3.15
C LYS C 248 30.31 0.50 3.40
N ILE C 249 29.76 0.56 4.60
CA ILE C 249 28.92 1.68 5.04
C ILE C 249 29.76 2.51 6.00
N PRO C 250 30.01 3.79 5.71
CA PRO C 250 30.99 4.56 6.48
C PRO C 250 30.45 4.90 7.87
N LYS C 251 31.39 5.21 8.78
CA LYS C 251 31.04 5.72 10.09
C LYS C 251 30.22 7.00 9.96
N THR C 252 29.15 7.10 10.75
CA THR C 252 28.37 8.33 10.88
C THR C 252 28.22 8.61 12.37
N ASP C 253 27.49 9.67 12.72
CA ASP C 253 27.18 9.83 14.13
C ASP C 253 26.13 8.85 14.64
N GLU C 254 25.61 7.96 13.80
CA GLU C 254 24.65 6.96 14.27
C GLU C 254 25.23 5.56 14.46
N HIS C 255 26.38 5.27 13.86
CA HIS C 255 26.86 3.90 13.84
C HIS C 255 28.31 3.89 13.41
N GLU C 256 28.98 2.81 13.76
CA GLU C 256 30.37 2.60 13.37
C GLU C 256 30.45 2.19 11.90
N GLU C 257 31.64 2.31 11.34
CA GLU C 257 31.88 1.77 10.00
C GLU C 257 31.59 0.27 10.00
N LYS C 258 30.94 -0.22 8.95
CA LYS C 258 30.66 -1.64 8.93
C LYS C 258 30.60 -2.14 7.48
N TRP C 259 30.96 -3.40 7.28
CA TRP C 259 30.78 -4.05 5.99
C TRP C 259 29.48 -4.86 6.03
N VAL C 260 28.69 -4.83 4.95
CA VAL C 260 27.46 -5.62 4.90
C VAL C 260 27.49 -6.47 3.65
N GLN C 261 26.78 -7.61 3.68
CA GLN C 261 26.71 -8.48 2.52
C GLN C 261 25.42 -8.18 1.76
N ALA C 262 25.57 -7.70 0.53
CA ALA C 262 24.45 -7.25 -0.29
C ALA C 262 24.30 -8.21 -1.47
N TRP C 263 23.16 -8.10 -2.19
CA TRP C 263 22.89 -8.88 -3.39
C TRP C 263 22.68 -7.95 -4.58
N VAL C 264 23.21 -8.34 -5.74
CA VAL C 264 22.94 -7.60 -6.98
C VAL C 264 21.55 -8.03 -7.44
N ILE C 265 20.63 -7.07 -7.56
CA ILE C 265 19.28 -7.40 -8.00
C ILE C 265 18.86 -6.63 -9.24
N ASP C 266 19.77 -5.86 -9.84
CA ASP C 266 19.42 -5.14 -11.07
C ASP C 266 20.69 -4.62 -11.72
N HIS C 267 20.55 -4.21 -12.97
CA HIS C 267 21.57 -3.44 -13.68
C HIS C 267 21.13 -1.99 -13.71
N ASN C 268 22.08 -1.10 -13.91
CA ASN C 268 21.74 0.30 -14.01
C ASN C 268 22.63 0.95 -15.05
N LEU C 269 22.33 2.21 -15.38
CA LEU C 269 23.16 2.92 -16.35
C LEU C 269 24.40 3.53 -15.69
N GLY C 270 24.20 4.35 -14.65
CA GLY C 270 25.35 4.85 -13.90
C GLY C 270 26.17 5.89 -14.63
N ASN C 271 25.60 6.57 -15.65
CA ASN C 271 26.39 7.52 -16.45
C ASN C 271 26.22 8.93 -15.88
N TRP C 272 26.57 9.07 -14.60
CA TRP C 272 26.59 10.38 -13.97
C TRP C 272 28.02 10.74 -13.56
N ASP C 273 28.26 12.04 -13.41
CA ASP C 273 29.53 12.51 -12.86
C ASP C 273 29.45 12.38 -11.35
N LYS C 274 30.47 12.87 -10.65
CA LYS C 274 30.56 12.63 -9.22
C LYS C 274 29.43 13.34 -8.47
N ASP C 275 28.77 14.33 -9.06
CA ASP C 275 27.67 15.01 -8.39
C ASP C 275 26.30 14.50 -8.80
N GLY C 276 26.22 13.50 -9.68
CA GLY C 276 24.93 12.95 -10.09
C GLY C 276 24.36 13.50 -11.39
N LYS C 277 25.07 14.39 -12.09
CA LYS C 277 24.58 14.88 -13.38
C LYS C 277 24.81 13.78 -14.44
N GLU C 278 23.75 13.42 -15.12
CA GLU C 278 23.74 12.33 -16.08
C GLU C 278 23.86 12.84 -17.50
N ASN C 279 24.55 12.07 -18.34
CA ASN C 279 24.78 12.40 -19.75
C ASN C 279 24.99 11.14 -20.55
N ASP C 280 24.38 11.09 -21.73
CA ASP C 280 24.49 9.90 -22.57
C ASP C 280 25.93 9.56 -22.96
N ALA C 281 26.85 10.53 -22.95
CA ALA C 281 28.25 10.23 -23.28
C ALA C 281 29.11 9.87 -22.06
N TYR C 282 28.59 10.00 -20.84
CA TYR C 282 29.43 9.78 -19.65
C TYR C 282 29.70 8.28 -19.43
N PRO C 283 30.83 7.96 -18.82
CA PRO C 283 31.13 6.54 -18.48
C PRO C 283 30.02 5.89 -17.68
N LYS C 284 29.70 4.66 -18.05
CA LYS C 284 28.65 3.93 -17.32
C LYS C 284 29.33 3.20 -16.16
N ASP C 285 29.63 3.95 -15.08
CA ASP C 285 30.35 3.37 -13.94
C ASP C 285 29.71 3.58 -12.56
N GLY C 286 28.62 4.37 -12.42
CA GLY C 286 27.98 4.51 -11.12
C GLY C 286 27.15 3.29 -10.76
N VAL C 287 26.91 3.10 -9.46
CA VAL C 287 26.13 1.95 -8.96
C VAL C 287 24.88 2.46 -8.23
N LEU C 288 23.97 1.53 -7.92
CA LEU C 288 22.78 1.88 -7.15
C LEU C 288 22.86 1.13 -5.83
N ILE C 289 22.45 1.76 -4.73
CA ILE C 289 22.34 1.12 -3.42
C ILE C 289 20.95 1.40 -2.89
N ASP C 290 20.38 0.47 -2.12
CA ASP C 290 18.98 0.63 -1.76
C ASP C 290 18.79 1.80 -0.79
N THR C 291 17.52 2.25 -0.67
CA THR C 291 17.23 3.50 0.02
C THR C 291 17.58 3.40 1.49
N ASN C 292 17.49 2.20 2.08
CA ASN C 292 17.80 2.07 3.50
C ASN C 292 19.30 2.14 3.75
N MET C 293 20.11 1.48 2.90
CA MET C 293 21.56 1.66 2.98
C MET C 293 21.93 3.11 2.74
N TYR C 294 21.29 3.74 1.76
CA TYR C 294 21.62 5.12 1.42
C TYR C 294 21.53 6.04 2.61
N GLU C 295 20.43 5.94 3.39
CA GLU C 295 20.26 6.85 4.52
C GLU C 295 21.26 6.56 5.62
N GLN C 296 21.84 5.36 5.64
CA GLN C 296 22.90 5.05 6.59
C GLN C 296 24.22 5.71 6.25
N PHE C 297 24.35 6.32 5.05
CA PHE C 297 25.56 7.06 4.73
C PHE C 297 25.57 8.46 5.34
N PHE C 298 24.49 8.88 5.99
CA PHE C 298 24.35 10.24 6.47
C PHE C 298 24.14 10.29 7.99
N ASP C 299 24.65 11.38 8.60
CA ASP C 299 24.40 11.62 10.02
C ASP C 299 22.90 11.73 10.32
N LYS C 300 22.56 11.55 11.60
CA LYS C 300 21.18 11.65 12.10
C LYS C 300 20.40 12.83 11.51
N ASN C 301 20.99 14.02 11.51
CA ASN C 301 20.26 15.20 11.08
C ASN C 301 20.71 15.70 9.70
N LYS C 302 21.28 14.82 8.89
CA LYS C 302 21.72 15.20 7.57
C LYS C 302 21.16 14.25 6.51
N LYS C 303 20.00 13.65 6.77
CA LYS C 303 19.41 12.79 5.75
C LYS C 303 19.02 13.61 4.52
N VAL C 304 18.82 12.93 3.41
CA VAL C 304 18.54 13.59 2.13
C VAL C 304 17.24 13.00 1.61
N PRO C 305 16.07 13.52 2.02
CA PRO C 305 14.81 12.84 1.71
C PRO C 305 14.40 12.92 0.25
N ASP C 306 15.04 13.76 -0.55
CA ASP C 306 14.71 13.72 -1.97
C ASP C 306 15.73 12.93 -2.78
N TYR C 307 16.69 12.29 -2.12
CA TYR C 307 17.64 11.35 -2.75
C TYR C 307 18.50 12.00 -3.81
N SER C 308 18.70 13.32 -3.71
CA SER C 308 19.38 14.01 -4.80
C SER C 308 20.89 13.96 -4.66
N LYS C 309 21.42 13.56 -3.52
CA LYS C 309 22.87 13.59 -3.31
C LYS C 309 23.48 12.21 -3.62
N THR C 310 24.56 12.18 -4.39
CA THR C 310 25.28 10.92 -4.57
C THR C 310 26.17 10.63 -3.36
N VAL C 311 26.60 9.38 -3.22
CA VAL C 311 27.54 9.06 -2.15
C VAL C 311 28.64 8.17 -2.73
N PRO C 312 29.88 8.32 -2.28
CA PRO C 312 30.95 7.40 -2.69
C PRO C 312 30.77 6.10 -1.95
N VAL C 313 30.91 4.99 -2.67
CA VAL C 313 30.72 3.67 -2.06
C VAL C 313 31.91 2.80 -2.45
N GLU C 314 32.41 2.07 -1.48
CA GLU C 314 33.48 1.10 -1.69
C GLU C 314 32.87 -0.29 -1.57
N TRP C 315 33.18 -1.18 -2.51
CA TRP C 315 32.50 -2.47 -2.55
C TRP C 315 33.32 -3.42 -3.42
N PHE C 316 32.95 -4.71 -3.33
CA PHE C 316 33.57 -5.71 -4.18
C PHE C 316 32.65 -6.92 -4.23
N PHE C 317 32.93 -7.81 -5.19
CA PHE C 317 32.16 -9.03 -5.35
C PHE C 317 32.70 -10.07 -4.38
N LEU C 318 31.80 -10.63 -3.57
CA LEU C 318 32.19 -11.47 -2.45
C LEU C 318 32.77 -12.79 -2.91
N ASP C 319 32.26 -13.33 -4.02
CA ASP C 319 32.67 -14.65 -4.51
C ASP C 319 33.46 -14.64 -5.80
N ILE C 320 33.94 -13.50 -6.26
CA ILE C 320 34.74 -13.41 -7.49
C ILE C 320 36.17 -13.05 -7.10
N ASN C 321 37.11 -13.94 -7.40
CA ASN C 321 38.50 -13.77 -6.91
C ASN C 321 39.38 -14.34 -8.01
N THR C 322 39.60 -13.54 -9.07
CA THR C 322 40.20 -14.07 -10.28
C THR C 322 41.46 -13.32 -10.67
N VAL C 323 41.86 -12.27 -9.92
CA VAL C 323 43.07 -11.52 -10.26
C VAL C 323 43.97 -11.38 -9.04
N GLY C 324 45.28 -11.59 -9.23
CA GLY C 324 46.22 -11.44 -8.14
C GLY C 324 46.85 -10.04 -8.14
N GLN D 127 -22.73 -15.69 -0.91
CA GLN D 127 -21.90 -15.21 -2.02
C GLN D 127 -20.78 -14.29 -1.53
N LYS D 128 -19.53 -14.70 -1.79
CA LYS D 128 -18.38 -13.90 -1.42
C LYS D 128 -18.34 -12.64 -2.32
N ASN D 129 -18.15 -11.50 -1.72
CA ASN D 129 -18.25 -10.27 -2.51
C ASN D 129 -17.37 -9.20 -1.87
N PRO D 130 -16.27 -8.77 -2.53
CA PRO D 130 -15.73 -9.12 -3.84
C PRO D 130 -15.34 -10.56 -3.91
N GLU D 131 -15.38 -11.15 -5.10
CA GLU D 131 -15.00 -12.55 -5.22
C GLU D 131 -13.50 -12.74 -4.99
N PHE D 132 -12.69 -11.73 -5.31
CA PHE D 132 -11.24 -11.80 -5.14
C PHE D 132 -10.76 -10.50 -4.53
N GLY D 133 -9.68 -10.60 -3.75
CA GLY D 133 -9.06 -9.40 -3.23
C GLY D 133 -9.78 -8.74 -2.06
N MET D 134 -9.26 -7.57 -1.73
CA MET D 134 -9.67 -6.79 -0.58
C MET D 134 -11.04 -6.12 -0.81
N ASN D 135 -11.80 -5.94 0.29
CA ASN D 135 -13.07 -5.19 0.21
C ASN D 135 -12.73 -3.70 0.10
N LEU D 136 -12.79 -3.16 -1.11
CA LEU D 136 -12.38 -1.77 -1.30
C LEU D 136 -13.33 -0.80 -0.62
N ALA D 137 -14.63 -1.12 -0.60
CA ALA D 137 -15.57 -0.17 0.00
C ALA D 137 -15.25 0.06 1.46
N ASN D 138 -14.94 -1.02 2.21
CA ASN D 138 -14.54 -0.87 3.60
C ASN D 138 -13.27 -0.02 3.73
N GLN D 139 -12.33 -0.15 2.77
CA GLN D 139 -11.11 0.65 2.90
C GLN D 139 -11.45 2.15 2.86
N TYR D 140 -12.50 2.52 2.11
CA TYR D 140 -12.91 3.92 2.04
C TYR D 140 -13.83 4.31 3.18
N ILE D 141 -14.79 3.46 3.50
CA ILE D 141 -15.81 3.84 4.47
C ILE D 141 -15.26 3.75 5.90
N ILE D 142 -14.60 2.65 6.21
CA ILE D 142 -14.09 2.42 7.55
C ILE D 142 -12.72 3.03 7.75
N ARG D 143 -11.87 2.97 6.74
CA ARG D 143 -10.48 3.38 6.89
C ARG D 143 -10.15 4.65 6.10
N LYS D 144 -11.16 5.31 5.53
CA LYS D 144 -11.01 6.67 5.02
C LYS D 144 -10.09 6.73 3.82
N GLY D 145 -9.94 5.63 3.08
CA GLY D 145 -9.05 5.59 1.94
C GLY D 145 -7.58 5.53 2.25
N ALA D 146 -7.19 5.18 3.48
CA ALA D 146 -5.78 5.02 3.80
C ALA D 146 -5.14 3.89 3.01
N GLY D 147 -3.82 4.02 2.78
CA GLY D 147 -3.04 2.99 2.17
C GLY D 147 -3.33 2.76 0.70
N LEU D 148 -3.89 3.75 0.03
CA LEU D 148 -4.23 3.65 -1.39
C LEU D 148 -3.36 4.66 -2.20
N PRO D 149 -3.14 4.40 -3.49
CA PRO D 149 -2.24 5.26 -4.28
C PRO D 149 -2.88 6.60 -4.56
N PRO D 150 -2.08 7.63 -4.86
CA PRO D 150 -2.65 8.94 -5.17
C PRO D 150 -3.58 8.80 -6.38
N ALA D 151 -4.79 9.31 -6.24
CA ALA D 151 -5.78 9.07 -7.29
C ALA D 151 -5.58 10.04 -8.47
N LYS D 152 -5.58 9.51 -9.70
CA LYS D 152 -5.51 10.29 -10.93
C LYS D 152 -6.92 10.62 -11.38
N ASP D 153 -7.06 11.46 -12.39
CA ASP D 153 -8.40 11.80 -12.88
C ASP D 153 -8.69 10.90 -14.09
N VAL D 154 -9.92 10.38 -14.19
CA VAL D 154 -10.27 9.41 -15.26
C VAL D 154 -10.12 9.98 -16.69
N LYS D 155 -10.11 11.29 -16.88
CA LYS D 155 -9.89 11.83 -18.23
C LYS D 155 -8.51 11.44 -18.76
N GLU D 156 -7.54 11.19 -17.86
CA GLU D 156 -6.21 10.77 -18.25
C GLU D 156 -6.15 9.34 -18.79
N THR D 157 -7.18 8.52 -18.54
CA THR D 157 -7.18 7.15 -19.07
C THR D 157 -7.42 7.12 -20.59
N TYR D 158 -8.06 8.14 -21.16
CA TYR D 158 -8.46 8.08 -22.58
C TYR D 158 -8.50 9.49 -23.15
N PRO D 159 -7.32 10.10 -23.38
CA PRO D 159 -7.26 11.49 -23.88
C PRO D 159 -8.07 11.71 -25.13
N GLU D 160 -8.05 10.77 -26.08
CA GLU D 160 -8.77 10.97 -27.32
C GLU D 160 -10.24 10.62 -27.23
N CYS D 161 -10.77 10.32 -26.07
CA CYS D 161 -12.22 10.12 -25.96
C CYS D 161 -12.85 11.50 -25.77
N LYS D 162 -13.44 12.03 -26.85
CA LYS D 162 -13.92 13.40 -26.86
C LYS D 162 -15.37 13.49 -27.30
N TRP D 163 -15.99 14.64 -27.03
CA TRP D 163 -17.34 14.89 -27.51
C TRP D 163 -17.24 15.40 -28.94
N ARG D 164 -17.65 14.57 -29.90
CA ARG D 164 -17.42 14.83 -31.31
C ARG D 164 -18.73 14.67 -32.06
N HIS D 165 -18.74 15.13 -33.30
CA HIS D 165 -19.88 15.00 -34.18
C HIS D 165 -19.54 14.02 -35.29
N TYR D 166 -20.47 13.09 -35.56
CA TYR D 166 -20.23 12.08 -36.59
C TYR D 166 -21.56 11.56 -37.10
N ALA D 167 -21.71 11.57 -38.42
CA ALA D 167 -22.87 11.01 -39.13
C ALA D 167 -24.17 11.50 -38.49
N GLY D 168 -24.25 12.82 -38.25
CA GLY D 168 -25.50 13.44 -37.81
C GLY D 168 -25.75 13.53 -36.31
N SER D 169 -24.89 12.95 -35.46
CA SER D 169 -25.04 13.06 -34.00
C SER D 169 -23.76 13.46 -33.31
N PHE D 170 -23.94 14.07 -32.14
CA PHE D 170 -22.85 14.25 -31.19
C PHE D 170 -22.75 12.98 -30.37
N GLY D 171 -21.52 12.56 -30.06
CA GLY D 171 -21.39 11.50 -29.08
C GLY D 171 -19.95 11.45 -28.59
N TRP D 172 -19.70 10.52 -27.65
CA TRP D 172 -18.34 10.32 -27.15
C TRP D 172 -17.63 9.40 -28.12
N LEU D 173 -16.65 9.94 -28.83
CA LEU D 173 -16.00 9.24 -29.93
C LEU D 173 -14.51 9.39 -29.80
N ASP D 174 -13.76 8.40 -30.27
CA ASP D 174 -12.31 8.52 -30.20
C ASP D 174 -11.74 9.12 -31.49
N ASP D 175 -10.42 9.05 -31.64
CA ASP D 175 -9.79 9.68 -32.79
C ASP D 175 -9.98 8.92 -34.09
N TYR D 176 -10.70 7.76 -34.10
CA TYR D 176 -11.09 7.08 -35.34
C TYR D 176 -12.61 7.01 -35.47
N ASN D 177 -13.32 7.86 -34.72
CA ASN D 177 -14.77 7.96 -34.74
C ASN D 177 -15.43 6.67 -34.27
N VAL D 178 -14.78 5.94 -33.36
CA VAL D 178 -15.39 4.81 -32.70
C VAL D 178 -15.91 5.25 -31.35
N GLN D 179 -17.14 4.82 -31.02
CA GLN D 179 -17.75 5.19 -29.75
C GLN D 179 -16.83 4.76 -28.59
N CYS D 180 -16.67 5.65 -27.60
CA CYS D 180 -15.85 5.34 -26.41
C CYS D 180 -16.63 5.74 -25.16
N TYR D 181 -16.17 5.22 -24.01
CA TYR D 181 -16.70 5.65 -22.71
C TYR D 181 -15.63 5.38 -21.68
N LEU D 182 -15.79 5.97 -20.51
CA LEU D 182 -14.73 5.93 -19.50
C LEU D 182 -15.09 4.98 -18.37
N SER D 183 -14.05 4.54 -17.63
CA SER D 183 -14.21 3.52 -16.59
C SER D 183 -13.51 4.00 -15.31
N PRO D 184 -14.06 5.02 -14.65
CA PRO D 184 -13.43 5.53 -13.43
C PRO D 184 -13.42 4.45 -12.35
N SER D 185 -12.28 4.37 -11.66
CA SER D 185 -11.99 3.35 -10.66
C SER D 185 -11.37 4.06 -9.46
N TYR D 186 -10.98 3.29 -8.45
CA TYR D 186 -10.33 3.95 -7.33
C TYR D 186 -8.97 4.57 -7.69
N LYS D 187 -8.36 4.17 -8.80
CA LYS D 187 -7.10 4.82 -9.23
C LYS D 187 -7.35 6.01 -10.13
N PHE D 188 -8.55 6.13 -10.68
CA PHE D 188 -8.87 7.11 -11.72
C PHE D 188 -10.26 7.66 -11.43
N HIS D 189 -10.32 8.69 -10.59
CA HIS D 189 -11.62 9.21 -10.15
C HIS D 189 -12.20 10.14 -11.20
N ALA D 190 -13.54 10.15 -11.29
CA ALA D 190 -14.26 11.13 -12.09
C ALA D 190 -14.51 12.37 -11.25
N HIS D 191 -14.37 13.55 -11.86
CA HIS D 191 -14.76 14.81 -11.23
C HIS D 191 -15.88 15.40 -12.08
N SER D 192 -17.11 15.32 -11.59
CA SER D 192 -18.24 15.62 -12.44
C SER D 192 -18.99 16.83 -11.89
N ILE D 193 -19.81 17.44 -12.73
CA ILE D 193 -20.78 18.44 -12.28
C ILE D 193 -22.11 17.71 -12.12
N ALA D 194 -22.71 17.73 -10.92
CA ALA D 194 -23.92 16.95 -10.65
C ALA D 194 -25.16 17.83 -10.47
N LYS D 195 -26.34 17.29 -10.78
CA LYS D 195 -27.61 17.87 -10.40
C LYS D 195 -28.30 16.87 -9.47
N ALA D 196 -29.22 17.36 -8.65
CA ALA D 196 -30.04 16.47 -7.82
C ALA D 196 -31.10 15.75 -8.64
N PHE D 197 -31.44 14.53 -8.19
CA PHE D 197 -32.63 13.84 -8.68
C PHE D 197 -33.35 13.09 -7.55
N LYS D 198 -34.62 12.79 -7.79
CA LYS D 198 -35.44 12.07 -6.86
C LYS D 198 -35.23 10.57 -7.13
N ALA D 199 -34.68 9.84 -6.17
CA ALA D 199 -34.29 8.48 -6.49
C ALA D 199 -35.49 7.54 -6.65
N GLU D 200 -36.52 7.66 -5.79
CA GLU D 200 -37.58 6.66 -5.80
C GLU D 200 -38.21 6.45 -7.17
N PRO D 201 -38.57 7.49 -7.94
CA PRO D 201 -39.15 7.22 -9.27
C PRO D 201 -38.26 6.37 -10.18
N SER D 202 -36.92 6.48 -10.08
CA SER D 202 -36.07 5.63 -10.91
C SER D 202 -35.98 4.18 -10.46
N THR D 203 -36.58 3.80 -9.34
CA THR D 203 -36.67 2.39 -9.02
C THR D 203 -37.92 1.76 -9.61
N LYS D 204 -38.80 2.57 -10.20
CA LYS D 204 -40.04 2.08 -10.76
C LYS D 204 -40.12 2.32 -12.25
N ALA D 205 -39.20 3.08 -12.82
CA ALA D 205 -39.20 3.43 -14.23
C ALA D 205 -37.81 3.95 -14.57
N GLY D 206 -37.56 4.13 -15.86
CA GLY D 206 -36.27 4.66 -16.30
C GLY D 206 -35.43 3.57 -16.94
N ALA D 207 -34.14 3.86 -17.11
CA ALA D 207 -33.26 3.02 -17.91
C ALA D 207 -32.85 1.73 -17.21
N CYS D 208 -32.92 1.69 -15.88
CA CYS D 208 -32.28 0.58 -15.14
C CYS D 208 -33.24 -0.27 -14.34
N PHE D 209 -34.47 0.22 -14.08
CA PHE D 209 -35.27 -0.39 -13.04
C PHE D 209 -35.61 -1.85 -13.32
N ASP D 210 -35.70 -2.23 -14.59
CA ASP D 210 -36.02 -3.60 -14.96
C ASP D 210 -34.80 -4.43 -15.36
N THR D 211 -33.59 -3.89 -15.18
CA THR D 211 -32.38 -4.71 -15.24
C THR D 211 -32.41 -5.74 -14.12
N ALA D 212 -31.91 -6.95 -14.38
CA ALA D 212 -31.89 -7.97 -13.33
C ALA D 212 -31.08 -7.50 -12.13
N ASN D 213 -31.59 -7.75 -10.92
CA ASN D 213 -30.85 -7.37 -9.71
C ASN D 213 -29.50 -8.04 -9.65
N THR D 214 -28.53 -7.30 -9.15
CA THR D 214 -27.16 -7.77 -8.99
C THR D 214 -26.93 -8.08 -7.52
N ASP D 215 -25.77 -8.70 -7.22
CA ASP D 215 -25.50 -9.11 -5.84
C ASP D 215 -25.55 -7.91 -4.89
N GLN D 216 -26.34 -8.05 -3.82
CA GLN D 216 -26.54 -7.07 -2.74
C GLN D 216 -27.34 -5.85 -3.17
N PHE D 217 -27.90 -5.84 -4.36
CA PHE D 217 -28.68 -4.68 -4.77
C PHE D 217 -29.87 -4.55 -3.82
N PRO D 218 -30.15 -3.37 -3.30
CA PRO D 218 -31.19 -3.21 -2.28
C PRO D 218 -32.56 -3.49 -2.85
N GLU D 219 -33.43 -4.01 -2.00
CA GLU D 219 -34.85 -3.92 -2.28
C GLU D 219 -35.30 -2.49 -1.95
N GLY D 220 -36.21 -1.96 -2.74
CA GLY D 220 -36.67 -0.62 -2.40
C GLY D 220 -35.73 0.46 -2.90
N VAL D 221 -35.52 1.52 -2.14
CA VAL D 221 -34.73 2.67 -2.63
C VAL D 221 -33.36 2.59 -1.98
N PRO D 222 -32.27 2.59 -2.76
CA PRO D 222 -30.92 2.51 -2.16
C PRO D 222 -30.70 3.67 -1.20
N LYS D 223 -29.80 3.46 -0.24
CA LYS D 223 -29.50 4.57 0.68
C LYS D 223 -28.87 5.76 -0.08
N TYR D 224 -28.03 5.46 -1.05
CA TYR D 224 -27.40 6.48 -1.90
C TYR D 224 -27.55 6.04 -3.35
N SER D 225 -28.05 6.94 -4.21
CA SER D 225 -28.35 6.61 -5.61
C SER D 225 -27.75 7.63 -6.56
N ILE D 226 -27.27 7.18 -7.74
CA ILE D 226 -26.79 8.10 -8.76
C ILE D 226 -27.32 7.68 -10.12
N GLY D 227 -27.20 8.60 -11.07
CA GLY D 227 -27.47 8.28 -12.47
C GLY D 227 -26.30 8.76 -13.31
N VAL D 228 -26.01 8.03 -14.40
CA VAL D 228 -24.78 8.32 -15.16
C VAL D 228 -25.13 8.53 -16.63
N PRO D 229 -24.32 9.33 -17.36
CA PRO D 229 -24.57 9.58 -18.77
C PRO D 229 -23.71 8.73 -19.70
N TYR D 230 -23.80 8.97 -21.01
CA TYR D 230 -23.06 8.18 -22.01
C TYR D 230 -21.56 8.28 -21.89
N LEU D 231 -21.01 9.34 -21.28
CA LEU D 231 -19.56 9.36 -21.05
C LEU D 231 -19.10 8.10 -20.31
N TYR D 232 -19.98 7.46 -19.50
CA TYR D 232 -19.61 6.36 -18.61
C TYR D 232 -20.31 5.04 -18.94
N MET D 233 -20.97 4.90 -20.07
CA MET D 233 -21.64 3.61 -20.33
C MET D 233 -21.88 3.48 -21.82
N ASN D 234 -22.19 2.25 -22.23
CA ASN D 234 -22.65 1.94 -23.59
C ASN D 234 -24.06 1.39 -23.42
N ASN D 235 -25.06 2.06 -23.98
CA ASN D 235 -26.44 1.71 -23.61
C ASN D 235 -26.94 0.43 -24.25
N LEU D 236 -26.15 -0.17 -25.13
CA LEU D 236 -26.53 -1.45 -25.73
C LEU D 236 -25.91 -2.60 -24.97
N TYR D 237 -24.63 -2.47 -24.63
CA TYR D 237 -23.86 -3.62 -24.17
C TYR D 237 -23.10 -3.45 -22.88
N ASP D 238 -23.03 -2.23 -22.30
CA ASP D 238 -22.29 -2.08 -21.02
C ASP D 238 -22.95 -0.94 -20.26
N ARG D 239 -24.17 -1.24 -19.81
CA ARG D 239 -25.09 -0.20 -19.37
C ARG D 239 -24.80 0.27 -17.95
N ARG D 240 -24.15 -0.57 -17.15
CA ARG D 240 -23.76 -0.25 -15.78
C ARG D 240 -24.97 0.10 -14.92
N CYS D 241 -26.09 -0.55 -15.21
CA CYS D 241 -27.28 -0.45 -14.38
C CYS D 241 -27.09 -1.30 -13.13
N LYS D 242 -27.53 -0.79 -11.99
CA LYS D 242 -27.46 -1.51 -10.72
C LYS D 242 -26.04 -1.95 -10.39
N VAL D 243 -25.04 -1.10 -10.65
CA VAL D 243 -23.69 -1.37 -10.18
C VAL D 243 -23.36 -0.37 -9.08
N ARG D 244 -22.24 -0.63 -8.39
CA ARG D 244 -21.86 0.14 -7.20
C ARG D 244 -20.87 1.24 -7.60
N ALA D 245 -20.99 2.41 -6.96
CA ALA D 245 -20.10 3.55 -7.18
C ALA D 245 -19.77 4.11 -5.80
N MET D 246 -18.56 4.57 -5.63
CA MET D 246 -18.15 5.26 -4.40
C MET D 246 -18.23 6.75 -4.69
N VAL D 247 -18.81 7.53 -3.77
CA VAL D 247 -19.00 8.97 -3.97
C VAL D 247 -18.43 9.68 -2.75
N LYS D 248 -17.59 10.69 -2.98
CA LYS D 248 -17.00 11.44 -1.87
C LYS D 248 -17.88 12.66 -1.55
N ILE D 249 -18.25 12.80 -0.27
CA ILE D 249 -18.98 13.98 0.18
C ILE D 249 -18.04 14.77 1.07
N PRO D 250 -17.58 15.95 0.64
CA PRO D 250 -16.49 16.64 1.36
C PRO D 250 -17.02 17.20 2.69
N LYS D 251 -16.09 17.43 3.60
CA LYS D 251 -16.42 17.96 4.93
C LYS D 251 -17.28 19.21 4.84
N THR D 252 -18.26 19.31 5.74
CA THR D 252 -19.04 20.51 5.96
C THR D 252 -19.04 20.79 7.44
N ASP D 253 -19.74 21.85 7.85
CA ASP D 253 -19.90 22.06 9.28
C ASP D 253 -20.86 21.05 9.92
N GLU D 254 -21.43 20.12 9.15
CA GLU D 254 -22.29 19.09 9.73
C GLU D 254 -21.66 17.70 9.81
N HIS D 255 -20.60 17.41 9.05
CA HIS D 255 -20.03 16.06 9.04
C HIS D 255 -18.62 16.12 8.48
N GLU D 256 -17.81 15.14 8.86
CA GLU D 256 -16.48 15.06 8.27
C GLU D 256 -16.60 14.59 6.83
N GLU D 257 -15.52 14.74 6.08
CA GLU D 257 -15.48 14.16 4.75
C GLU D 257 -15.79 12.67 4.82
N LYS D 258 -16.59 12.18 3.90
CA LYS D 258 -16.92 10.78 3.94
C LYS D 258 -17.13 10.25 2.53
N TRP D 259 -16.72 9.03 2.32
CA TRP D 259 -17.08 8.32 1.11
C TRP D 259 -18.33 7.49 1.40
N VAL D 260 -19.27 7.42 0.44
CA VAL D 260 -20.46 6.57 0.62
C VAL D 260 -20.55 5.63 -0.56
N GLN D 261 -21.18 4.48 -0.34
CA GLN D 261 -21.34 3.49 -1.42
C GLN D 261 -22.74 3.65 -2.02
N ALA D 262 -22.79 4.08 -3.27
CA ALA D 262 -24.03 4.39 -3.99
C ALA D 262 -24.28 3.31 -5.03
N TRP D 263 -25.52 3.29 -5.54
CA TRP D 263 -25.91 2.39 -6.64
C TRP D 263 -26.35 3.23 -7.82
N VAL D 264 -25.93 2.81 -9.02
CA VAL D 264 -26.46 3.41 -10.25
C VAL D 264 -27.87 2.87 -10.46
N ILE D 265 -28.86 3.77 -10.49
CA ILE D 265 -30.23 3.34 -10.72
C ILE D 265 -30.87 3.99 -11.93
N ASP D 266 -30.15 4.80 -12.70
CA ASP D 266 -30.72 5.34 -13.92
C ASP D 266 -29.59 5.86 -14.79
N HIS D 267 -29.93 6.20 -16.02
CA HIS D 267 -29.08 6.96 -16.92
C HIS D 267 -29.62 8.40 -16.97
N ASN D 268 -28.76 9.32 -17.38
CA ASN D 268 -29.20 10.71 -17.52
C ASN D 268 -28.51 11.32 -18.73
N LEU D 269 -28.88 12.57 -19.08
CA LEU D 269 -28.25 13.27 -20.19
C LEU D 269 -26.98 13.98 -19.75
N GLY D 270 -27.09 14.83 -18.73
CA GLY D 270 -25.87 15.42 -18.19
C GLY D 270 -25.27 16.47 -19.11
N ASN D 271 -26.03 17.00 -20.05
CA ASN D 271 -25.47 17.97 -21.01
C ASN D 271 -25.66 19.41 -20.50
N TRP D 272 -25.11 19.69 -19.34
CA TRP D 272 -25.16 21.03 -18.80
C TRP D 272 -23.75 21.60 -18.66
N ASP D 273 -23.67 22.94 -18.59
CA ASP D 273 -22.39 23.58 -18.31
C ASP D 273 -22.19 23.66 -16.80
N LYS D 274 -21.14 24.35 -16.36
CA LYS D 274 -20.80 24.33 -14.94
C LYS D 274 -21.92 24.90 -14.07
N ASP D 275 -22.79 25.71 -14.64
CA ASP D 275 -23.81 26.39 -13.86
C ASP D 275 -25.14 25.67 -13.98
N GLY D 276 -25.20 24.56 -14.72
CA GLY D 276 -26.45 23.85 -14.91
C GLY D 276 -27.25 24.20 -16.16
N LYS D 277 -26.73 25.07 -17.02
CA LYS D 277 -27.42 25.37 -18.28
C LYS D 277 -27.28 24.23 -19.28
N GLU D 278 -28.43 23.74 -19.75
CA GLU D 278 -28.48 22.56 -20.60
C GLU D 278 -28.58 22.99 -22.05
N ASN D 279 -27.89 22.25 -22.91
CA ASN D 279 -27.97 22.50 -24.34
C ASN D 279 -27.70 21.20 -25.10
N ASP D 280 -28.48 20.96 -26.16
CA ASP D 280 -28.39 19.69 -26.88
C ASP D 280 -27.01 19.45 -27.48
N ALA D 281 -26.23 20.50 -27.69
CA ALA D 281 -24.90 20.33 -28.25
C ALA D 281 -23.85 20.05 -27.20
N TYR D 282 -24.17 20.23 -25.88
CA TYR D 282 -23.15 20.16 -24.84
C TYR D 282 -22.75 18.71 -24.54
N PRO D 283 -21.50 18.48 -24.13
CA PRO D 283 -21.08 17.11 -23.75
C PRO D 283 -22.01 16.47 -22.72
N LYS D 284 -22.33 15.19 -22.95
CA LYS D 284 -23.18 14.43 -22.02
C LYS D 284 -22.26 13.83 -20.95
N ASP D 285 -21.87 14.68 -19.97
CA ASP D 285 -20.90 14.24 -18.97
C ASP D 285 -21.32 14.48 -17.52
N GLY D 286 -22.37 15.22 -17.26
CA GLY D 286 -22.82 15.44 -15.88
C GLY D 286 -23.56 14.25 -15.30
N VAL D 287 -23.60 14.15 -13.96
CA VAL D 287 -24.21 13.01 -13.29
C VAL D 287 -25.39 13.51 -12.41
N LEU D 288 -26.22 12.56 -11.96
CA LEU D 288 -27.32 12.82 -11.04
C LEU D 288 -26.98 12.15 -9.69
N ILE D 289 -27.22 12.85 -8.60
CA ILE D 289 -27.12 12.30 -7.25
C ILE D 289 -28.44 12.55 -6.51
N ASP D 290 -28.80 11.64 -5.59
CA ASP D 290 -30.13 11.74 -4.98
C ASP D 290 -30.22 12.99 -4.08
N THR D 291 -31.45 13.42 -3.78
CA THR D 291 -31.63 14.73 -3.13
C THR D 291 -31.07 14.75 -1.72
N ASN D 292 -31.04 13.60 -1.05
CA ASN D 292 -30.50 13.52 0.29
C ASN D 292 -28.98 13.69 0.28
N MET D 293 -28.30 12.94 -0.59
CA MET D 293 -26.86 13.14 -0.76
C MET D 293 -26.56 14.59 -1.13
N TYR D 294 -27.39 15.16 -2.03
CA TYR D 294 -27.15 16.49 -2.56
C TYR D 294 -27.05 17.51 -1.44
N GLU D 295 -27.99 17.50 -0.50
CA GLU D 295 -27.99 18.53 0.56
C GLU D 295 -26.80 18.34 1.49
N GLN D 296 -26.26 17.11 1.59
CA GLN D 296 -25.09 16.89 2.43
C GLN D 296 -23.82 17.54 1.92
N PHE D 297 -23.82 18.05 0.69
CA PHE D 297 -22.64 18.76 0.19
C PHE D 297 -22.56 20.18 0.77
N PHE D 298 -23.64 20.68 1.38
CA PHE D 298 -23.71 22.05 1.87
C PHE D 298 -23.72 22.16 3.39
N ASP D 299 -23.15 23.27 3.89
CA ASP D 299 -23.24 23.62 5.31
C ASP D 299 -24.70 23.75 5.76
N LYS D 300 -24.88 23.70 7.10
CA LYS D 300 -26.19 23.78 7.75
C LYS D 300 -27.05 24.91 7.21
N ASN D 301 -26.45 26.07 7.03
CA ASN D 301 -27.18 27.25 6.57
C ASN D 301 -26.77 27.65 5.16
N LYS D 302 -26.34 26.68 4.36
CA LYS D 302 -26.22 26.94 2.93
C LYS D 302 -26.95 25.89 2.12
N LYS D 303 -28.04 25.33 2.66
CA LYS D 303 -28.80 24.35 1.90
C LYS D 303 -29.38 25.01 0.66
N VAL D 304 -29.67 24.18 -0.35
CA VAL D 304 -30.28 24.63 -1.59
C VAL D 304 -31.60 23.88 -1.72
N PRO D 305 -32.65 24.31 -1.02
CA PRO D 305 -33.92 23.58 -1.11
C PRO D 305 -34.56 23.64 -2.48
N ASP D 306 -34.19 24.55 -3.39
CA ASP D 306 -34.85 24.50 -4.70
C ASP D 306 -34.06 23.73 -5.72
N TYR D 307 -32.93 23.11 -5.33
CA TYR D 307 -32.15 22.23 -6.22
C TYR D 307 -31.63 22.94 -7.47
N SER D 308 -31.49 24.26 -7.43
CA SER D 308 -31.10 25.07 -8.58
C SER D 308 -29.60 25.07 -8.85
N LYS D 309 -28.77 24.67 -7.88
CA LYS D 309 -27.33 24.76 -8.01
C LYS D 309 -26.76 23.41 -8.40
N THR D 310 -25.79 23.41 -9.32
CA THR D 310 -25.02 22.17 -9.55
C THR D 310 -24.02 22.00 -8.40
N VAL D 311 -23.52 20.77 -8.23
CA VAL D 311 -22.47 20.57 -7.23
C VAL D 311 -21.42 19.70 -7.85
N PRO D 312 -20.14 19.98 -7.61
CA PRO D 312 -19.10 19.07 -8.12
C PRO D 312 -19.09 17.81 -7.29
N VAL D 313 -18.85 16.67 -7.94
CA VAL D 313 -18.87 15.40 -7.24
C VAL D 313 -17.69 14.59 -7.74
N GLU D 314 -16.89 14.07 -6.81
CA GLU D 314 -15.82 13.12 -7.12
C GLU D 314 -16.33 11.71 -6.87
N TRP D 315 -16.15 10.79 -7.82
CA TRP D 315 -16.73 9.46 -7.65
C TRP D 315 -16.00 8.47 -8.57
N PHE D 316 -16.24 7.18 -8.35
CA PHE D 316 -15.74 6.15 -9.25
C PHE D 316 -16.60 4.89 -9.13
N PHE D 317 -16.43 3.98 -10.09
CA PHE D 317 -17.12 2.69 -10.03
C PHE D 317 -16.37 1.74 -9.10
N LEU D 318 -17.11 1.20 -8.10
CA LEU D 318 -16.44 0.46 -7.02
C LEU D 318 -15.81 -0.84 -7.53
N ASP D 319 -16.44 -1.49 -8.49
CA ASP D 319 -16.01 -2.82 -8.91
C ASP D 319 -15.35 -2.86 -10.28
N ILE D 320 -15.11 -1.71 -10.89
CA ILE D 320 -14.45 -1.64 -12.19
C ILE D 320 -13.04 -1.19 -11.98
N ASN D 321 -12.07 -1.99 -12.46
CA ASN D 321 -10.64 -1.72 -12.18
C ASN D 321 -9.92 -2.34 -13.37
N THR D 322 -9.84 -1.59 -14.47
CA THR D 322 -9.39 -2.12 -15.74
C THR D 322 -8.30 -1.26 -16.39
N VAL D 323 -7.89 -0.16 -15.75
CA VAL D 323 -6.82 0.68 -16.30
C VAL D 323 -5.74 0.85 -15.26
N GLY D 324 -4.48 0.64 -15.68
CA GLY D 324 -3.33 0.91 -14.83
C GLY D 324 -2.88 2.39 -14.82
N GLN E 127 16.78 -16.49 42.80
CA GLN E 127 16.23 -16.03 41.51
C GLN E 127 16.76 -14.65 41.08
N LYS E 128 17.52 -14.62 39.97
CA LYS E 128 18.00 -13.35 39.40
C LYS E 128 16.81 -12.55 38.87
N ASN E 129 16.77 -11.27 39.19
CA ASN E 129 15.64 -10.43 38.81
C ASN E 129 16.14 -9.00 38.62
N PRO E 130 16.15 -8.46 37.39
CA PRO E 130 15.73 -9.03 36.10
C PRO E 130 16.62 -10.17 35.73
N GLU E 131 16.10 -11.08 34.94
CA GLU E 131 16.89 -12.27 34.59
C GLU E 131 18.04 -11.91 33.66
N PHE E 132 17.88 -10.85 32.85
CA PHE E 132 18.89 -10.40 31.86
C PHE E 132 19.00 -8.87 31.89
N GLY E 133 20.22 -8.36 31.66
CA GLY E 133 20.37 -6.92 31.49
C GLY E 133 20.41 -6.13 32.77
N MET E 134 20.27 -4.82 32.58
CA MET E 134 20.40 -3.84 33.66
C MET E 134 19.21 -3.83 34.61
N ASN E 135 19.49 -3.57 35.89
CA ASN E 135 18.44 -3.33 36.87
C ASN E 135 17.87 -1.94 36.63
N LEU E 136 16.79 -1.90 35.85
CA LEU E 136 16.20 -0.63 35.44
C LEU E 136 15.62 0.14 36.62
N ALA E 137 14.97 -0.54 37.56
CA ALA E 137 14.46 0.17 38.74
C ALA E 137 15.56 0.96 39.43
N ASN E 138 16.71 0.33 39.64
CA ASN E 138 17.84 1.02 40.28
C ASN E 138 18.27 2.24 39.46
N GLN E 139 18.20 2.13 38.13
CA GLN E 139 18.61 3.25 37.30
C GLN E 139 17.75 4.49 37.56
N TYR E 140 16.47 4.31 37.88
CA TYR E 140 15.57 5.40 38.20
C TYR E 140 15.69 5.81 39.66
N ILE E 141 15.74 4.84 40.57
CA ILE E 141 15.71 5.14 42.00
C ILE E 141 17.07 5.60 42.50
N ILE E 142 18.11 4.84 42.18
CA ILE E 142 19.44 5.20 42.65
C ILE E 142 20.06 6.27 41.77
N ARG E 143 20.08 6.05 40.45
CA ARG E 143 20.79 6.94 39.54
C ARG E 143 19.87 7.97 38.91
N LYS E 144 18.64 8.11 39.39
CA LYS E 144 17.77 9.22 39.01
C LYS E 144 17.50 9.26 37.51
N GLY E 145 17.44 8.11 36.84
CA GLY E 145 17.14 8.13 35.42
C GLY E 145 18.30 8.56 34.52
N ALA E 146 19.50 8.73 35.07
CA ALA E 146 20.65 9.09 34.25
C ALA E 146 21.01 8.01 33.24
N GLY E 147 21.52 8.44 32.09
CA GLY E 147 22.04 7.52 31.09
C GLY E 147 20.99 6.73 30.33
N LEU E 148 19.79 7.24 30.24
CA LEU E 148 18.66 6.62 29.57
C LEU E 148 18.22 7.55 28.45
N PRO E 149 17.55 7.05 27.40
CA PRO E 149 17.16 7.93 26.30
C PRO E 149 16.08 8.90 26.75
N PRO E 150 15.97 10.07 26.11
CA PRO E 150 14.85 10.97 26.48
C PRO E 150 13.53 10.25 26.26
N ALA E 151 12.65 10.31 27.26
CA ALA E 151 11.39 9.55 27.20
C ALA E 151 10.46 10.11 26.14
N LYS E 152 9.79 9.20 25.45
CA LYS E 152 8.67 9.52 24.59
C LYS E 152 7.36 9.15 25.25
N ASP E 153 6.27 9.37 24.52
CA ASP E 153 4.91 9.11 25.02
C ASP E 153 4.38 7.82 24.42
N VAL E 154 3.84 6.93 25.26
CA VAL E 154 3.32 5.66 24.72
C VAL E 154 2.23 5.87 23.66
N LYS E 155 1.58 7.03 23.64
CA LYS E 155 0.56 7.24 22.61
C LYS E 155 1.13 7.06 21.21
N GLU E 156 2.39 7.47 21.02
CA GLU E 156 3.08 7.33 19.71
C GLU E 156 3.23 5.88 19.28
N THR E 157 3.18 4.91 20.22
CA THR E 157 3.47 3.54 19.79
C THR E 157 2.30 2.92 19.00
N TYR E 158 1.10 3.50 19.08
CA TYR E 158 -0.10 2.90 18.48
C TYR E 158 -1.12 3.99 18.18
N PRO E 159 -0.85 4.82 17.17
CA PRO E 159 -1.78 5.92 16.83
C PRO E 159 -3.20 5.46 16.55
N GLU E 160 -3.40 4.27 15.95
CA GLU E 160 -4.76 3.85 15.61
C GLU E 160 -5.47 3.12 16.75
N CYS E 161 -4.86 3.04 17.91
CA CYS E 161 -5.56 2.46 19.05
C CYS E 161 -6.42 3.55 19.67
N LYS E 162 -7.73 3.54 19.38
CA LYS E 162 -8.61 4.64 19.75
C LYS E 162 -9.82 4.08 20.46
N TRP E 163 -10.50 4.95 21.19
CA TRP E 163 -11.75 4.59 21.88
C TRP E 163 -12.87 4.59 20.85
N ARG E 164 -13.35 3.41 20.46
CA ARG E 164 -14.30 3.29 19.35
C ARG E 164 -15.54 2.51 19.80
N HIS E 165 -16.58 2.61 19.00
CA HIS E 165 -17.82 1.88 19.23
C HIS E 165 -17.95 0.74 18.23
N TYR E 166 -18.23 -0.45 18.73
CA TYR E 166 -18.37 -1.62 17.86
C TYR E 166 -19.29 -2.62 18.56
N ALA E 167 -20.28 -3.15 17.82
CA ALA E 167 -21.16 -4.21 18.32
C ALA E 167 -21.77 -3.84 19.68
N GLY E 168 -22.21 -2.59 19.79
CA GLY E 168 -22.89 -2.07 20.96
C GLY E 168 -22.06 -1.78 22.19
N SER E 169 -20.72 -1.77 22.08
CA SER E 169 -19.88 -1.43 23.22
C SER E 169 -18.82 -0.44 22.78
N PHE E 170 -18.38 0.40 23.71
CA PHE E 170 -17.17 1.20 23.53
C PHE E 170 -15.99 0.34 23.95
N GLY E 171 -14.88 0.49 23.25
CA GLY E 171 -13.69 -0.21 23.73
C GLY E 171 -12.48 0.34 23.00
N TRP E 172 -11.30 -0.12 23.42
CA TRP E 172 -10.07 0.26 22.74
C TRP E 172 -9.87 -0.62 21.52
N LEU E 173 -10.02 -0.04 20.33
CA LEU E 173 -10.03 -0.82 19.09
C LEU E 173 -9.15 -0.15 18.06
N ASP E 174 -8.49 -0.95 17.21
CA ASP E 174 -7.66 -0.37 16.17
C ASP E 174 -8.49 -0.10 14.91
N ASP E 175 -7.80 0.19 13.80
CA ASP E 175 -8.44 0.59 12.54
C ASP E 175 -9.07 -0.57 11.79
N TYR E 176 -8.88 -1.80 12.30
CA TYR E 176 -9.56 -2.98 11.78
C TYR E 176 -10.55 -3.52 12.80
N ASN E 177 -10.89 -2.71 13.81
CA ASN E 177 -11.82 -3.10 14.86
C ASN E 177 -11.34 -4.32 15.65
N VAL E 178 -10.03 -4.46 15.80
CA VAL E 178 -9.44 -5.47 16.68
C VAL E 178 -9.07 -4.80 18.00
N GLN E 179 -9.41 -5.44 19.12
CA GLN E 179 -9.08 -4.85 20.42
C GLN E 179 -7.57 -4.59 20.52
N CYS E 180 -7.21 -3.45 21.11
CA CYS E 180 -5.80 -3.11 21.29
C CYS E 180 -5.59 -2.59 22.71
N TYR E 181 -4.33 -2.51 23.13
CA TYR E 181 -3.96 -1.93 24.41
C TYR E 181 -2.48 -1.57 24.33
N LEU E 182 -2.04 -0.68 25.22
CA LEU E 182 -0.71 -0.09 25.11
C LEU E 182 0.24 -0.72 26.14
N SER E 183 1.52 -0.58 25.87
CA SER E 183 2.56 -1.25 26.66
C SER E 183 3.62 -0.22 27.04
N PRO E 184 3.29 0.75 27.90
CA PRO E 184 4.27 1.81 28.21
C PRO E 184 5.49 1.20 28.88
N SER E 185 6.67 1.71 28.52
CA SER E 185 7.97 1.20 28.98
C SER E 185 8.82 2.40 29.38
N TYR E 186 10.06 2.15 29.84
CA TYR E 186 10.94 3.26 30.17
C TYR E 186 11.22 4.14 28.97
N LYS E 187 11.06 3.62 27.76
CA LYS E 187 11.23 4.45 26.57
C LYS E 187 9.99 5.24 26.18
N PHE E 188 8.78 4.72 26.50
CA PHE E 188 7.48 5.28 26.11
C PHE E 188 6.61 5.37 27.35
N HIS E 189 6.61 6.52 28.03
CA HIS E 189 5.89 6.63 29.29
C HIS E 189 4.41 6.88 29.03
N ALA E 190 3.59 6.46 29.97
CA ALA E 190 2.17 6.80 29.96
C ALA E 190 1.98 8.06 30.79
N HIS E 191 1.12 8.97 30.28
CA HIS E 191 0.70 10.17 31.02
C HIS E 191 -0.80 10.08 31.28
N SER E 192 -1.20 9.82 32.53
CA SER E 192 -2.57 9.48 32.86
C SER E 192 -3.14 10.46 33.87
N ILE E 193 -4.46 10.44 34.00
CA ILE E 193 -5.14 11.15 35.08
C ILE E 193 -5.50 10.12 36.14
N ALA E 194 -5.12 10.37 37.39
CA ALA E 194 -5.31 9.36 38.42
C ALA E 194 -6.32 9.81 39.46
N LYS E 195 -7.00 8.80 40.05
CA LYS E 195 -7.71 8.97 41.31
C LYS E 195 -7.07 8.06 42.36
N ALA E 196 -7.39 8.32 43.63
CA ALA E 196 -6.85 7.52 44.73
C ALA E 196 -7.69 6.27 44.94
N PHE E 197 -7.07 5.23 45.50
CA PHE E 197 -7.81 4.06 45.96
C PHE E 197 -7.10 3.50 47.17
N LYS E 198 -7.84 2.81 48.04
CA LYS E 198 -7.24 2.18 49.21
C LYS E 198 -6.67 0.86 48.77
N ALA E 199 -5.37 0.66 49.02
CA ALA E 199 -4.73 -0.53 48.45
C ALA E 199 -5.09 -1.80 49.21
N GLU E 200 -5.26 -1.73 50.55
CA GLU E 200 -5.41 -2.99 51.28
C GLU E 200 -6.63 -3.79 50.83
N PRO E 201 -7.81 -3.20 50.58
CA PRO E 201 -8.94 -4.03 50.10
C PRO E 201 -8.65 -4.76 48.81
N SER E 202 -7.88 -4.17 47.89
CA SER E 202 -7.51 -4.84 46.64
C SER E 202 -6.44 -5.92 46.81
N THR E 203 -5.87 -6.10 48.01
CA THR E 203 -4.97 -7.25 48.18
C THR E 203 -5.74 -8.53 48.55
N LYS E 204 -7.03 -8.42 48.86
CA LYS E 204 -7.84 -9.53 49.35
C LYS E 204 -9.16 -9.66 48.59
N ALA E 205 -9.37 -8.84 47.56
CA ALA E 205 -10.58 -8.82 46.72
C ALA E 205 -10.20 -8.11 45.43
N GLY E 206 -11.11 -8.07 44.47
CA GLY E 206 -10.88 -7.29 43.23
C GLY E 206 -10.38 -8.17 42.10
N ALA E 207 -9.80 -7.54 41.08
CA ALA E 207 -9.49 -8.23 39.83
C ALA E 207 -8.20 -9.01 39.86
N CYS E 208 -7.27 -8.76 40.81
CA CYS E 208 -5.93 -9.35 40.78
C CYS E 208 -5.57 -10.21 41.97
N PHE E 209 -6.34 -10.17 43.07
CA PHE E 209 -5.84 -10.71 44.32
C PHE E 209 -5.59 -12.21 44.23
N ASP E 210 -6.35 -12.92 43.39
CA ASP E 210 -6.22 -14.37 43.29
C ASP E 210 -5.38 -14.78 42.08
N THR E 211 -4.69 -13.83 41.45
CA THR E 211 -3.68 -14.17 40.46
C THR E 211 -2.46 -14.74 41.18
N ALA E 212 -1.76 -15.70 40.55
CA ALA E 212 -0.62 -16.32 41.22
C ALA E 212 0.42 -15.23 41.58
N ASN E 213 0.99 -15.29 42.79
CA ASN E 213 2.05 -14.36 43.17
C ASN E 213 3.27 -14.46 42.26
N THR E 214 3.83 -13.32 41.89
CA THR E 214 4.99 -13.23 40.99
C THR E 214 6.26 -12.94 41.80
N ASP E 215 7.41 -13.00 41.13
CA ASP E 215 8.69 -12.88 41.83
C ASP E 215 8.78 -11.57 42.59
N GLN E 216 9.09 -11.63 43.88
CA GLN E 216 9.21 -10.46 44.77
C GLN E 216 7.89 -9.75 45.08
N PHE E 217 6.76 -10.28 44.65
CA PHE E 217 5.49 -9.64 44.98
C PHE E 217 5.28 -9.68 46.50
N PRO E 218 4.96 -8.57 47.15
CA PRO E 218 4.92 -8.55 48.62
C PRO E 218 3.77 -9.37 49.17
N GLU E 219 4.00 -9.97 50.33
CA GLU E 219 2.86 -10.37 51.13
C GLU E 219 2.37 -9.12 51.85
N GLY E 220 1.07 -9.04 52.03
CA GLY E 220 0.55 -7.83 52.64
C GLY E 220 0.38 -6.75 51.58
N VAL E 221 0.42 -5.50 52.03
CA VAL E 221 0.09 -4.36 51.19
C VAL E 221 1.38 -3.85 50.58
N PRO E 222 1.49 -3.73 49.24
CA PRO E 222 2.73 -3.20 48.66
C PRO E 222 3.02 -1.79 49.18
N LYS E 223 4.29 -1.39 49.13
CA LYS E 223 4.60 -0.02 49.55
C LYS E 223 3.92 1.00 48.64
N TYR E 224 3.90 0.71 47.33
CA TYR E 224 3.21 1.54 46.34
C TYR E 224 2.38 0.65 45.43
N SER E 225 1.10 1.01 45.26
CA SER E 225 0.14 0.19 44.51
C SER E 225 -0.59 1.05 43.51
N ILE E 226 -0.91 0.45 42.35
CA ILE E 226 -1.71 1.12 41.32
C ILE E 226 -2.77 0.16 40.81
N GLY E 227 -3.76 0.72 40.12
CA GLY E 227 -4.72 -0.07 39.36
C GLY E 227 -4.78 0.46 37.94
N VAL E 228 -5.03 -0.45 36.98
CA VAL E 228 -4.97 -0.01 35.58
C VAL E 228 -6.24 -0.37 34.80
N PRO E 229 -6.58 0.44 33.78
CA PRO E 229 -7.76 0.20 32.95
C PRO E 229 -7.49 -0.55 31.67
N TYR E 230 -8.54 -0.71 30.85
CA TYR E 230 -8.43 -1.49 29.61
C TYR E 230 -7.45 -0.88 28.60
N LEU E 231 -7.16 0.42 28.69
CA LEU E 231 -6.16 0.97 27.78
C LEU E 231 -4.83 0.23 27.92
N TYR E 232 -4.59 -0.42 29.07
CA TYR E 232 -3.28 -1.00 29.33
C TYR E 232 -3.31 -2.49 29.58
N MET E 233 -4.40 -3.19 29.29
CA MET E 233 -4.38 -4.63 29.51
C MET E 233 -5.46 -5.29 28.69
N ASN E 234 -5.41 -6.62 28.64
CA ASN E 234 -6.46 -7.47 28.09
C ASN E 234 -6.93 -8.35 29.23
N ASN E 235 -8.22 -8.24 29.60
CA ASN E 235 -8.66 -8.88 30.83
C ASN E 235 -8.79 -10.40 30.71
N LEU E 236 -8.73 -10.96 29.50
CA LEU E 236 -8.76 -12.41 29.34
C LEU E 236 -7.35 -13.00 29.38
N TYR E 237 -6.39 -12.40 28.68
CA TYR E 237 -5.12 -13.10 28.44
C TYR E 237 -3.86 -12.28 28.73
N ASP E 238 -3.98 -11.00 29.05
CA ASP E 238 -2.76 -10.19 29.37
C ASP E 238 -3.18 -9.17 30.44
N ARG E 239 -3.49 -9.71 31.62
CA ARG E 239 -4.21 -8.95 32.66
C ARG E 239 -3.30 -8.03 33.45
N ARG E 240 -2.00 -8.35 33.48
CA ARG E 240 -0.97 -7.53 34.09
C ARG E 240 -1.23 -7.33 35.58
N CYS E 241 -1.81 -8.36 36.21
CA CYS E 241 -1.97 -8.42 37.66
C CYS E 241 -0.64 -8.75 38.33
N LYS E 242 -0.34 -8.04 39.42
CA LYS E 242 0.87 -8.31 40.21
C LYS E 242 2.12 -8.14 39.36
N VAL E 243 2.13 -7.14 38.48
CA VAL E 243 3.35 -6.79 37.77
C VAL E 243 3.83 -5.43 38.31
N ARG E 244 5.06 -5.06 37.95
CA ARG E 244 5.71 -3.88 38.50
C ARG E 244 5.56 -2.70 37.55
N ALA E 245 5.44 -1.53 38.13
CA ALA E 245 5.34 -0.27 37.39
C ALA E 245 6.24 0.74 38.08
N MET E 246 6.88 1.62 37.30
CA MET E 246 7.60 2.75 37.87
C MET E 246 6.64 3.94 37.80
N VAL E 247 6.55 4.71 38.89
CA VAL E 247 5.63 5.84 38.94
C VAL E 247 6.44 7.02 39.43
N LYS E 248 6.26 8.16 38.77
CA LYS E 248 6.93 9.40 39.15
C LYS E 248 6.09 10.19 40.15
N ILE E 249 6.68 10.51 41.29
CA ILE E 249 6.03 11.39 42.27
C ILE E 249 6.66 12.77 42.11
N PRO E 250 5.88 13.81 41.81
CA PRO E 250 6.46 15.10 41.45
C PRO E 250 7.09 15.78 42.67
N LYS E 251 7.95 16.75 42.41
CA LYS E 251 8.50 17.55 43.50
C LYS E 251 7.40 18.27 44.27
N THR E 252 7.53 18.32 45.59
CA THR E 252 6.65 19.16 46.40
C THR E 252 7.53 19.91 47.38
N ASP E 253 6.91 20.71 48.28
CA ASP E 253 7.76 21.30 49.30
C ASP E 253 8.19 20.30 50.38
N GLU E 254 7.76 19.04 50.30
CA GLU E 254 8.18 18.03 51.26
C GLU E 254 9.28 17.11 50.75
N HIS E 255 9.47 17.02 49.44
CA HIS E 255 10.37 16.02 48.91
C HIS E 255 10.69 16.36 47.46
N GLU E 256 11.85 15.87 47.02
CA GLU E 256 12.25 16.04 45.64
C GLU E 256 11.40 15.13 44.76
N GLU E 257 11.38 15.43 43.47
CA GLU E 257 10.75 14.52 42.53
C GLU E 257 11.44 13.16 42.62
N LYS E 258 10.65 12.08 42.61
CA LYS E 258 11.26 10.78 42.73
C LYS E 258 10.46 9.75 41.94
N TRP E 259 11.16 8.71 41.48
CA TRP E 259 10.53 7.56 40.85
C TRP E 259 10.43 6.47 41.90
N VAL E 260 9.27 5.79 41.96
CA VAL E 260 9.08 4.70 42.91
C VAL E 260 8.61 3.46 42.16
N GLN E 261 8.97 2.28 42.69
CA GLN E 261 8.53 1.02 42.09
C GLN E 261 7.24 0.57 42.77
N ALA E 262 6.16 0.47 41.99
CA ALA E 262 4.82 0.15 42.47
C ALA E 262 4.42 -1.21 41.92
N TRP E 263 3.32 -1.75 42.45
CA TRP E 263 2.73 -3.00 41.97
C TRP E 263 1.29 -2.77 41.50
N VAL E 264 0.93 -3.37 40.36
CA VAL E 264 -0.45 -3.37 39.91
C VAL E 264 -1.21 -4.38 40.76
N ILE E 265 -2.23 -3.93 41.50
CA ILE E 265 -3.01 -4.88 42.31
C ILE E 265 -4.50 -4.87 41.99
N ASP E 266 -4.92 -4.13 40.98
CA ASP E 266 -6.34 -4.18 40.65
C ASP E 266 -6.50 -3.60 39.26
N HIS E 267 -7.68 -3.78 38.70
CA HIS E 267 -8.08 -3.12 37.47
C HIS E 267 -9.10 -2.03 37.85
N ASN E 268 -9.27 -1.05 36.99
CA ASN E 268 -10.27 -0.02 37.24
C ASN E 268 -10.90 0.41 35.93
N LEU E 269 -11.99 1.18 36.05
CA LEU E 269 -12.67 1.69 34.86
C LEU E 269 -11.92 2.86 34.26
N GLY E 270 -11.66 3.90 35.06
CA GLY E 270 -10.88 5.03 34.61
C GLY E 270 -11.59 5.89 33.57
N ASN E 271 -12.92 5.82 33.50
CA ASN E 271 -13.63 6.60 32.46
C ASN E 271 -14.03 7.98 32.98
N TRP E 272 -13.02 8.77 33.33
CA TRP E 272 -13.24 10.14 33.77
C TRP E 272 -12.47 11.10 32.87
N ASP E 273 -12.93 12.36 32.86
CA ASP E 273 -12.21 13.40 32.13
C ASP E 273 -11.11 13.90 33.07
N LYS E 274 -10.42 14.99 32.66
CA LYS E 274 -9.25 15.44 33.41
C LYS E 274 -9.60 15.95 34.81
N ASP E 275 -10.85 16.36 35.05
CA ASP E 275 -11.26 16.82 36.37
C ASP E 275 -11.94 15.74 37.21
N GLY E 276 -12.06 14.53 36.69
CA GLY E 276 -12.60 13.43 37.46
C GLY E 276 -14.05 13.13 37.21
N LYS E 277 -14.68 13.84 36.28
CA LYS E 277 -16.09 13.58 35.99
C LYS E 277 -16.22 12.29 35.18
N GLU E 278 -17.03 11.34 35.64
CA GLU E 278 -17.16 10.04 35.01
C GLU E 278 -18.41 9.97 34.13
N ASN E 279 -18.31 9.20 33.05
CA ASN E 279 -19.39 8.96 32.10
C ASN E 279 -19.14 7.65 31.37
N ASP E 280 -20.20 6.86 31.15
CA ASP E 280 -20.09 5.53 30.56
C ASP E 280 -19.56 5.54 29.14
N ALA E 281 -19.62 6.69 28.47
CA ALA E 281 -19.08 6.79 27.12
C ALA E 281 -17.63 7.27 27.08
N TYR E 282 -17.07 7.70 28.23
CA TYR E 282 -15.73 8.27 28.20
C TYR E 282 -14.67 7.17 28.02
N PRO E 283 -13.50 7.50 27.45
CA PRO E 283 -12.44 6.48 27.28
C PRO E 283 -11.99 5.91 28.61
N LYS E 284 -11.71 4.59 28.63
CA LYS E 284 -11.29 3.95 29.86
C LYS E 284 -9.76 4.03 29.94
N ASP E 285 -9.26 5.20 30.36
CA ASP E 285 -7.81 5.45 30.38
C ASP E 285 -7.25 6.01 31.69
N GLY E 286 -8.08 6.34 32.67
CA GLY E 286 -7.57 6.80 33.96
C GLY E 286 -7.05 5.66 34.81
N VAL E 287 -6.15 5.97 35.73
CA VAL E 287 -5.51 4.96 36.56
C VAL E 287 -5.81 5.24 38.04
N LEU E 288 -5.50 4.25 38.92
CA LEU E 288 -5.65 4.43 40.36
C LEU E 288 -4.26 4.43 40.99
N ILE E 289 -4.04 5.31 41.98
CA ILE E 289 -2.81 5.23 42.77
C ILE E 289 -3.21 5.17 44.24
N ASP E 290 -2.40 4.52 45.08
CA ASP E 290 -2.88 4.30 46.45
C ASP E 290 -2.94 5.59 47.25
N THR E 291 -3.77 5.56 48.30
CA THR E 291 -4.05 6.79 49.03
C THR E 291 -2.81 7.40 49.65
N ASN E 292 -1.81 6.59 49.99
CA ASN E 292 -0.65 7.15 50.66
C ASN E 292 0.20 7.91 49.63
N MET E 293 0.45 7.27 48.48
CA MET E 293 1.21 7.90 47.40
C MET E 293 0.51 9.17 46.95
N TYR E 294 -0.82 9.08 46.80
CA TYR E 294 -1.63 10.21 46.38
C TYR E 294 -1.33 11.47 47.18
N GLU E 295 -1.29 11.37 48.51
CA GLU E 295 -1.04 12.57 49.30
C GLU E 295 0.39 13.09 49.13
N GLN E 296 1.32 12.26 48.66
CA GLN E 296 2.67 12.74 48.37
C GLN E 296 2.72 13.60 47.11
N PHE E 297 1.61 13.70 46.35
CA PHE E 297 1.61 14.59 45.19
C PHE E 297 1.36 16.04 45.57
N PHE E 298 1.08 16.31 46.83
CA PHE E 298 0.71 17.65 47.27
C PHE E 298 1.67 18.22 48.30
N ASP E 299 1.75 19.55 48.35
CA ASP E 299 2.54 20.21 49.37
C ASP E 299 1.97 19.94 50.78
N LYS E 300 2.80 20.22 51.79
CA LYS E 300 2.48 19.95 53.19
C LYS E 300 1.10 20.45 53.59
N ASN E 301 0.78 21.69 53.23
CA ASN E 301 -0.48 22.30 53.64
C ASN E 301 -1.47 22.34 52.49
N LYS E 302 -1.30 21.48 51.49
CA LYS E 302 -2.23 21.42 50.38
C LYS E 302 -2.75 20.00 50.17
N LYS E 303 -2.79 19.18 51.22
CA LYS E 303 -3.29 17.82 51.07
C LYS E 303 -4.78 17.84 50.73
N VAL E 304 -5.26 16.73 50.18
CA VAL E 304 -6.67 16.57 49.83
C VAL E 304 -7.15 15.34 50.58
N PRO E 305 -7.59 15.50 51.83
CA PRO E 305 -7.77 14.33 52.68
C PRO E 305 -8.94 13.48 52.27
N ASP E 306 -9.85 14.00 51.43
CA ASP E 306 -10.95 13.14 51.02
C ASP E 306 -10.75 12.62 49.60
N TYR E 307 -9.58 12.85 49.02
CA TYR E 307 -9.23 12.26 47.72
C TYR E 307 -10.11 12.77 46.60
N SER E 308 -10.63 13.97 46.74
CA SER E 308 -11.61 14.46 45.78
C SER E 308 -10.99 15.15 44.55
N LYS E 309 -9.67 15.18 44.38
CA LYS E 309 -9.06 15.80 43.21
C LYS E 309 -8.35 14.72 42.39
N THR E 310 -8.41 14.80 41.08
CA THR E 310 -7.53 13.94 40.26
C THR E 310 -6.12 14.50 40.29
N VAL E 311 -5.16 13.66 39.95
CA VAL E 311 -3.80 14.12 39.80
C VAL E 311 -3.22 13.55 38.52
N PRO E 312 -2.43 14.32 37.77
CA PRO E 312 -1.75 13.72 36.61
C PRO E 312 -0.57 12.87 37.08
N VAL E 313 -0.38 11.71 36.44
CA VAL E 313 0.63 10.75 36.87
C VAL E 313 1.40 10.29 35.65
N GLU E 314 2.72 10.29 35.73
CA GLU E 314 3.54 9.70 34.68
C GLU E 314 4.08 8.34 35.16
N TRP E 315 3.96 7.31 34.33
CA TRP E 315 4.34 5.98 34.80
C TRP E 315 4.66 5.06 33.60
N PHE E 316 5.20 3.88 33.90
CA PHE E 316 5.34 2.86 32.84
C PHE E 316 5.51 1.51 33.49
N PHE E 317 5.41 0.45 32.67
CA PHE E 317 5.64 -0.90 33.17
C PHE E 317 7.12 -1.20 33.26
N LEU E 318 7.56 -1.62 34.44
CA LEU E 318 8.99 -1.76 34.69
C LEU E 318 9.62 -2.88 33.86
N ASP E 319 8.88 -3.93 33.59
CA ASP E 319 9.47 -5.14 32.96
C ASP E 319 8.93 -5.41 31.57
N ILE E 320 8.14 -4.50 31.01
CA ILE E 320 7.63 -4.63 29.65
C ILE E 320 8.42 -3.69 28.77
N ASN E 321 9.17 -4.24 27.84
CA ASN E 321 10.04 -3.47 26.97
C ASN E 321 9.92 -4.12 25.60
N THR E 322 8.86 -3.80 24.87
CA THR E 322 8.56 -4.55 23.65
C THR E 322 8.37 -3.64 22.42
N VAL E 323 8.53 -2.34 22.57
CA VAL E 323 8.42 -1.41 21.42
C VAL E 323 9.67 -0.58 21.33
N GLY E 324 10.28 -0.57 20.13
CA GLY E 324 11.39 0.32 19.86
C GLY E 324 10.91 1.73 19.45
N GLN F 127 -19.40 -15.20 29.16
CA GLN F 127 -18.19 -14.39 28.92
C GLN F 127 -17.95 -14.05 27.42
N LYS F 128 -18.00 -12.77 27.04
CA LYS F 128 -17.66 -12.39 25.66
C LYS F 128 -16.16 -12.55 25.36
N ASN F 129 -15.82 -13.18 24.21
CA ASN F 129 -14.40 -13.47 23.91
C ASN F 129 -14.19 -13.40 22.39
N PRO F 130 -13.48 -12.38 21.86
CA PRO F 130 -12.80 -11.28 22.57
C PRO F 130 -13.80 -10.37 23.21
N GLU F 131 -13.36 -9.70 24.27
CA GLU F 131 -14.30 -8.86 25.01
C GLU F 131 -14.75 -7.66 24.17
N PHE F 132 -13.89 -7.20 23.28
CA PHE F 132 -14.22 -6.04 22.43
C PHE F 132 -13.83 -6.33 20.99
N GLY F 133 -14.60 -5.75 20.07
CA GLY F 133 -14.19 -5.81 18.69
C GLY F 133 -14.41 -7.18 18.04
N MET F 134 -13.82 -7.32 16.87
CA MET F 134 -14.05 -8.44 15.97
C MET F 134 -13.38 -9.73 16.44
N ASN F 135 -13.99 -10.88 16.09
CA ASN F 135 -13.37 -12.19 16.32
C ASN F 135 -12.27 -12.39 15.28
N LEU F 136 -11.03 -12.11 15.69
CA LEU F 136 -9.91 -12.14 14.78
C LEU F 136 -9.59 -13.56 14.34
N ALA F 137 -9.66 -14.55 15.26
CA ALA F 137 -9.42 -15.95 14.85
C ALA F 137 -10.31 -16.36 13.69
N ASN F 138 -11.61 -16.05 13.77
CA ASN F 138 -12.52 -16.46 12.70
C ASN F 138 -12.20 -15.75 11.38
N GLN F 139 -11.68 -14.53 11.45
CA GLN F 139 -11.28 -13.85 10.23
C GLN F 139 -10.20 -14.63 9.49
N TYR F 140 -9.33 -15.33 10.21
CA TYR F 140 -8.31 -16.17 9.57
C TYR F 140 -8.83 -17.54 9.21
N ILE F 141 -9.55 -18.16 10.13
CA ILE F 141 -9.90 -19.58 9.93
C ILE F 141 -11.06 -19.71 8.95
N ILE F 142 -12.11 -18.92 9.12
CA ILE F 142 -13.25 -18.93 8.17
C ILE F 142 -13.00 -18.03 6.97
N ARG F 143 -12.53 -16.80 7.15
CA ARG F 143 -12.45 -15.89 6.01
C ARG F 143 -11.04 -15.77 5.46
N LYS F 144 -10.14 -16.65 5.89
CA LYS F 144 -8.86 -16.88 5.25
C LYS F 144 -7.93 -15.68 5.37
N GLY F 145 -8.22 -14.79 6.32
CA GLY F 145 -7.41 -13.61 6.47
C GLY F 145 -7.76 -12.47 5.52
N ALA F 146 -8.91 -12.55 4.85
CA ALA F 146 -9.38 -11.43 4.04
C ALA F 146 -9.57 -10.18 4.89
N GLY F 147 -9.43 -9.02 4.26
CA GLY F 147 -9.81 -7.78 4.92
C GLY F 147 -8.84 -7.32 5.99
N LEU F 148 -7.60 -7.81 5.98
CA LEU F 148 -6.64 -7.44 7.01
C LEU F 148 -5.47 -6.77 6.31
N PRO F 149 -4.69 -5.95 6.99
CA PRO F 149 -3.60 -5.22 6.30
C PRO F 149 -2.50 -6.16 5.88
N PRO F 150 -1.72 -5.80 4.86
CA PRO F 150 -0.55 -6.61 4.52
C PRO F 150 0.37 -6.74 5.74
N ALA F 151 0.74 -7.98 6.04
CA ALA F 151 1.52 -8.28 7.23
C ALA F 151 2.91 -7.65 7.12
N LYS F 152 3.42 -7.17 8.25
CA LYS F 152 4.82 -6.79 8.39
C LYS F 152 5.52 -7.79 9.30
N ASP F 153 6.82 -7.59 9.48
CA ASP F 153 7.63 -8.49 10.29
C ASP F 153 7.77 -7.90 11.69
N VAL F 154 7.57 -8.74 12.73
CA VAL F 154 7.66 -8.19 14.09
C VAL F 154 9.06 -7.62 14.37
N LYS F 155 10.09 -8.08 13.66
CA LYS F 155 11.41 -7.46 13.88
C LYS F 155 11.38 -5.95 13.70
N GLU F 156 10.52 -5.44 12.81
CA GLU F 156 10.46 -3.99 12.61
C GLU F 156 9.91 -3.25 13.82
N THR F 157 9.20 -3.93 14.72
CA THR F 157 8.68 -3.23 15.91
C THR F 157 9.79 -2.88 16.88
N TYR F 158 10.96 -3.55 16.83
CA TYR F 158 12.02 -3.35 17.83
C TYR F 158 13.37 -3.71 17.22
N PRO F 159 13.85 -2.90 16.29
CA PRO F 159 15.16 -3.19 15.66
C PRO F 159 16.31 -3.32 16.67
N GLU F 160 16.30 -2.55 17.77
CA GLU F 160 17.42 -2.66 18.74
C GLU F 160 17.23 -3.82 19.75
N CYS F 161 16.22 -4.65 19.60
CA CYS F 161 16.14 -5.85 20.46
C CYS F 161 17.02 -6.94 19.88
N LYS F 162 18.25 -7.09 20.40
CA LYS F 162 19.23 -7.99 19.80
C LYS F 162 19.78 -8.99 20.82
N TRP F 163 20.41 -10.06 20.32
CA TRP F 163 21.02 -11.06 21.19
C TRP F 163 22.39 -10.56 21.62
N ARG F 164 22.58 -10.25 22.91
CA ARG F 164 23.81 -9.59 23.37
C ARG F 164 24.27 -10.27 24.66
N HIS F 165 25.39 -9.82 25.18
CA HIS F 165 25.87 -10.32 26.46
C HIS F 165 25.95 -9.16 27.43
N TYR F 166 25.60 -9.44 28.67
CA TYR F 166 25.66 -8.43 29.73
C TYR F 166 25.73 -9.14 31.07
N ALA F 167 26.65 -8.67 31.92
CA ALA F 167 26.89 -9.32 33.21
C ALA F 167 27.09 -10.81 33.00
N GLY F 168 26.29 -11.64 33.65
CA GLY F 168 26.70 -13.02 33.48
C GLY F 168 26.00 -13.83 32.40
N SER F 169 25.23 -13.22 31.48
CA SER F 169 24.47 -14.02 30.50
C SER F 169 24.33 -13.36 29.13
N PHE F 170 24.06 -14.22 28.14
CA PHE F 170 23.48 -13.79 26.88
C PHE F 170 21.98 -13.60 27.10
N GLY F 171 21.41 -12.60 26.44
CA GLY F 171 19.96 -12.45 26.48
C GLY F 171 19.53 -11.49 25.40
N TRP F 172 18.21 -11.29 25.29
CA TRP F 172 17.62 -10.29 24.39
C TRP F 172 17.67 -8.97 25.10
N LEU F 173 18.56 -8.09 24.62
CA LEU F 173 18.84 -6.80 25.26
C LEU F 173 18.70 -5.69 24.24
N ASP F 174 18.16 -4.55 24.67
CA ASP F 174 18.05 -3.42 23.75
C ASP F 174 19.37 -2.62 23.74
N ASP F 175 19.32 -1.42 23.14
CA ASP F 175 20.49 -0.54 23.00
C ASP F 175 20.92 0.11 24.30
N TYR F 176 20.23 -0.12 25.41
CA TYR F 176 20.67 0.33 26.74
C TYR F 176 20.91 -0.85 27.66
N ASN F 177 21.00 -2.06 27.10
CA ASN F 177 21.19 -3.30 27.84
C ASN F 177 20.03 -3.61 28.80
N VAL F 178 18.84 -3.18 28.43
CA VAL F 178 17.61 -3.54 29.17
C VAL F 178 16.98 -4.73 28.48
N GLN F 179 16.63 -5.78 29.24
CA GLN F 179 15.94 -6.94 28.64
C GLN F 179 14.76 -6.47 27.79
N CYS F 180 14.61 -7.10 26.62
CA CYS F 180 13.47 -6.81 25.75
C CYS F 180 12.89 -8.13 25.23
N TYR F 181 11.66 -8.04 24.70
CA TYR F 181 11.05 -9.20 24.02
C TYR F 181 9.99 -8.67 23.08
N LEU F 182 9.61 -9.49 22.11
CA LEU F 182 8.77 -9.07 20.99
C LEU F 182 7.33 -9.51 21.21
N SER F 183 6.41 -8.78 20.58
CA SER F 183 4.97 -9.02 20.72
C SER F 183 4.33 -9.15 19.34
N PRO F 184 4.63 -10.23 18.61
CA PRO F 184 4.08 -10.37 17.27
C PRO F 184 2.55 -10.40 17.31
N SER F 185 1.93 -9.76 16.34
CA SER F 185 0.47 -9.61 16.30
C SER F 185 0.04 -9.85 14.86
N TYR F 186 -1.27 -9.75 14.61
CA TYR F 186 -1.74 -9.97 13.24
C TYR F 186 -1.16 -8.92 12.27
N LYS F 187 -0.71 -7.76 12.76
CA LYS F 187 -0.05 -6.78 11.87
C LYS F 187 1.44 -7.05 11.71
N PHE F 188 2.05 -7.68 12.71
CA PHE F 188 3.49 -7.86 12.78
C PHE F 188 3.81 -9.32 13.05
N HIS F 189 3.97 -10.12 12.01
CA HIS F 189 4.12 -11.57 12.23
C HIS F 189 5.55 -11.92 12.60
N ALA F 190 5.69 -12.99 13.40
CA ALA F 190 7.00 -13.58 13.66
C ALA F 190 7.31 -14.57 12.55
N HIS F 191 8.58 -14.63 12.14
CA HIS F 191 9.05 -15.65 11.21
C HIS F 191 10.15 -16.43 11.92
N SER F 192 9.87 -17.68 12.30
CA SER F 192 10.73 -18.41 13.20
C SER F 192 11.17 -19.70 12.50
N ILE F 193 12.22 -20.31 13.05
CA ILE F 193 12.63 -21.67 12.71
C ILE F 193 12.08 -22.58 13.81
N ALA F 194 11.30 -23.58 13.43
CA ALA F 194 10.64 -24.44 14.41
C ALA F 194 11.24 -25.84 14.39
N LYS F 195 11.22 -26.47 15.57
CA LYS F 195 11.36 -27.91 15.74
C LYS F 195 10.05 -28.48 16.26
N ALA F 196 9.82 -29.77 16.02
CA ALA F 196 8.60 -30.44 16.53
C ALA F 196 8.74 -30.76 18.02
N PHE F 197 7.60 -30.78 18.74
CA PHE F 197 7.58 -31.37 20.08
C PHE F 197 6.28 -32.13 20.32
N LYS F 198 6.32 -33.08 21.26
CA LYS F 198 5.11 -33.82 21.64
C LYS F 198 4.31 -32.96 22.63
N ALA F 199 3.09 -32.60 22.27
CA ALA F 199 2.32 -31.67 23.08
C ALA F 199 1.91 -32.29 24.42
N GLU F 200 1.50 -33.57 24.41
CA GLU F 200 0.86 -34.13 25.59
C GLU F 200 1.75 -34.06 26.83
N PRO F 201 3.06 -34.37 26.78
CA PRO F 201 3.89 -34.20 28.00
C PRO F 201 3.85 -32.79 28.53
N SER F 202 3.84 -31.77 27.67
CA SER F 202 3.77 -30.40 28.19
C SER F 202 2.41 -30.03 28.77
N THR F 203 1.38 -30.88 28.64
CA THR F 203 0.17 -30.56 29.38
C THR F 203 0.24 -31.11 30.81
N LYS F 204 1.28 -31.86 31.12
CA LYS F 204 1.42 -32.45 32.44
C LYS F 204 2.67 -32.01 33.19
N ALA F 205 3.61 -31.32 32.52
CA ALA F 205 4.88 -30.85 33.08
C ALA F 205 5.32 -29.68 32.22
N GLY F 206 6.44 -29.05 32.61
CA GLY F 206 7.00 -27.92 31.87
C GLY F 206 6.67 -26.56 32.46
N ALA F 207 6.85 -25.53 31.64
CA ALA F 207 6.88 -24.17 32.14
C ALA F 207 5.50 -23.63 32.35
N CYS F 208 4.49 -24.17 31.65
CA CYS F 208 3.15 -23.60 31.63
C CYS F 208 2.08 -24.44 32.33
N PHE F 209 2.31 -25.74 32.55
CA PHE F 209 1.15 -26.59 32.78
C PHE F 209 0.41 -26.23 34.08
N ASP F 210 1.09 -25.65 35.07
CA ASP F 210 0.43 -25.27 36.32
C ASP F 210 0.08 -23.78 36.37
N THR F 211 0.11 -23.09 35.23
CA THR F 211 -0.51 -21.77 35.13
C THR F 211 -2.03 -21.97 35.20
N ALA F 212 -2.74 -21.07 35.91
CA ALA F 212 -4.19 -21.24 36.01
C ALA F 212 -4.83 -21.19 34.62
N ASN F 213 -5.86 -22.03 34.40
CA ASN F 213 -6.48 -22.09 33.08
C ASN F 213 -7.01 -20.71 32.70
N THR F 214 -6.86 -20.37 31.43
CA THR F 214 -7.38 -19.13 30.89
C THR F 214 -8.70 -19.42 30.17
N ASP F 215 -9.40 -18.34 29.77
CA ASP F 215 -10.73 -18.49 29.17
C ASP F 215 -10.62 -19.35 27.91
N GLN F 216 -11.46 -20.38 27.82
CA GLN F 216 -11.65 -21.27 26.68
C GLN F 216 -10.48 -22.24 26.50
N PHE F 217 -9.57 -22.30 27.47
CA PHE F 217 -8.45 -23.23 27.39
C PHE F 217 -8.99 -24.66 27.43
N PRO F 218 -8.53 -25.53 26.55
CA PRO F 218 -9.09 -26.89 26.47
C PRO F 218 -8.57 -27.78 27.61
N GLU F 219 -9.31 -28.84 27.87
CA GLU F 219 -8.75 -29.91 28.69
C GLU F 219 -8.01 -30.90 27.79
N GLY F 220 -7.08 -31.65 28.38
CA GLY F 220 -6.30 -32.59 27.58
C GLY F 220 -5.39 -31.89 26.59
N VAL F 221 -5.24 -32.44 25.40
CA VAL F 221 -4.28 -31.95 24.42
C VAL F 221 -4.99 -30.93 23.53
N PRO F 222 -4.50 -29.71 23.42
CA PRO F 222 -5.16 -28.72 22.53
C PRO F 222 -5.16 -29.22 21.09
N LYS F 223 -6.03 -28.62 20.27
CA LYS F 223 -6.01 -28.98 18.86
C LYS F 223 -4.65 -28.70 18.23
N TYR F 224 -4.05 -27.54 18.53
CA TYR F 224 -2.70 -27.20 18.10
C TYR F 224 -1.93 -26.53 19.24
N SER F 225 -0.66 -26.82 19.35
CA SER F 225 0.16 -26.39 20.48
C SER F 225 1.50 -25.89 20.00
N ILE F 226 2.01 -24.81 20.65
CA ILE F 226 3.37 -24.33 20.42
C ILE F 226 4.10 -24.12 21.75
N GLY F 227 5.42 -23.92 21.64
CA GLY F 227 6.22 -23.47 22.76
C GLY F 227 7.06 -22.31 22.28
N VAL F 228 7.33 -21.37 23.18
CA VAL F 228 8.02 -20.15 22.76
C VAL F 228 9.26 -19.84 23.62
N PRO F 229 10.25 -19.16 23.05
CA PRO F 229 11.50 -18.83 23.76
C PRO F 229 11.52 -17.42 24.33
N TYR F 230 12.67 -17.03 24.92
CA TYR F 230 12.79 -15.72 25.57
C TYR F 230 12.62 -14.55 24.60
N LEU F 231 12.80 -14.75 23.28
CA LEU F 231 12.57 -13.62 22.40
C LEU F 231 11.14 -13.12 22.50
N TYR F 232 10.22 -13.96 22.97
CA TYR F 232 8.79 -13.62 22.93
C TYR F 232 8.10 -13.61 24.29
N MET F 233 8.87 -13.63 25.38
CA MET F 233 8.24 -13.64 26.71
C MET F 233 9.24 -13.16 27.75
N ASN F 234 8.70 -12.79 28.92
CA ASN F 234 9.51 -12.52 30.11
C ASN F 234 9.13 -13.62 31.14
N ASN F 235 10.11 -14.41 31.58
CA ASN F 235 9.71 -15.59 32.36
C ASN F 235 9.31 -15.27 33.78
N LEU F 236 9.50 -14.01 34.26
CA LEU F 236 9.05 -13.69 35.62
C LEU F 236 7.67 -13.06 35.57
N TYR F 237 7.40 -12.20 34.58
CA TYR F 237 6.22 -11.37 34.65
C TYR F 237 5.35 -11.35 33.41
N ASP F 238 5.77 -11.94 32.28
CA ASP F 238 4.92 -11.90 31.05
C ASP F 238 5.18 -13.19 30.30
N ARG F 239 4.72 -14.29 30.92
CA ARG F 239 5.18 -15.62 30.53
C ARG F 239 4.40 -16.14 29.34
N ARG F 240 3.20 -15.61 29.08
CA ARG F 240 2.42 -15.99 27.90
C ARG F 240 2.11 -17.49 27.89
N CYS F 241 1.94 -18.07 29.07
CA CYS F 241 1.48 -19.45 29.21
C CYS F 241 -0.02 -19.51 28.96
N LYS F 242 -0.46 -20.53 28.18
CA LYS F 242 -1.88 -20.76 27.94
C LYS F 242 -2.54 -19.54 27.28
N VAL F 243 -1.82 -18.92 26.33
CA VAL F 243 -2.42 -17.86 25.53
C VAL F 243 -2.50 -18.39 24.10
N ARG F 244 -3.26 -17.71 23.28
CA ARG F 244 -3.58 -18.17 21.93
C ARG F 244 -2.63 -17.55 20.89
N ALA F 245 -2.32 -18.35 19.87
CA ALA F 245 -1.43 -17.95 18.79
C ALA F 245 -2.04 -18.41 17.48
N MET F 246 -1.85 -17.67 16.42
CA MET F 246 -2.21 -18.10 15.07
C MET F 246 -0.94 -18.57 14.36
N VAL F 247 -1.03 -19.66 13.63
CA VAL F 247 0.13 -20.26 12.96
C VAL F 247 -0.27 -20.56 11.53
N LYS F 248 0.57 -20.18 10.58
CA LYS F 248 0.31 -20.47 9.18
C LYS F 248 0.91 -21.82 8.83
N ILE F 249 0.10 -22.68 8.20
CA ILE F 249 0.59 -23.94 7.68
C ILE F 249 0.63 -23.80 6.16
N PRO F 250 1.79 -23.92 5.52
CA PRO F 250 1.90 -23.60 4.10
C PRO F 250 1.17 -24.64 3.26
N LYS F 251 0.86 -24.25 2.02
CA LYS F 251 0.27 -25.16 1.05
C LYS F 251 1.18 -26.36 0.83
N THR F 252 0.59 -27.55 0.83
CA THR F 252 1.21 -28.81 0.42
C THR F 252 0.36 -29.48 -0.66
N ASP F 253 0.82 -30.65 -1.14
CA ASP F 253 -0.01 -31.41 -2.08
C ASP F 253 -1.17 -32.10 -1.38
N GLU F 254 -1.29 -31.96 -0.07
CA GLU F 254 -2.36 -32.58 0.71
C GLU F 254 -3.43 -31.59 1.14
N HIS F 255 -3.10 -30.31 1.24
CA HIS F 255 -4.04 -29.33 1.74
C HIS F 255 -3.58 -27.95 1.30
N GLU F 256 -4.53 -27.04 1.27
CA GLU F 256 -4.26 -25.66 0.92
C GLU F 256 -3.59 -24.97 2.12
N GLU F 257 -3.06 -23.79 1.86
CA GLU F 257 -2.48 -23.01 2.94
C GLU F 257 -3.57 -22.70 3.97
N LYS F 258 -3.24 -22.75 5.25
CA LYS F 258 -4.27 -22.42 6.21
C LYS F 258 -3.66 -21.84 7.49
N TRP F 259 -4.42 -20.97 8.13
CA TRP F 259 -4.10 -20.43 9.45
C TRP F 259 -4.84 -21.25 10.51
N VAL F 260 -4.14 -21.63 11.57
CA VAL F 260 -4.77 -22.40 12.63
C VAL F 260 -4.58 -21.69 13.97
N GLN F 261 -5.51 -21.91 14.90
CA GLN F 261 -5.39 -21.28 16.23
C GLN F 261 -4.80 -22.30 17.21
N ALA F 262 -3.65 -21.95 17.77
CA ALA F 262 -2.88 -22.83 18.65
C ALA F 262 -2.82 -22.21 20.04
N TRP F 263 -2.41 -23.02 21.03
CA TRP F 263 -2.19 -22.54 22.40
C TRP F 263 -0.72 -22.71 22.75
N VAL F 264 -0.17 -21.71 23.46
CA VAL F 264 1.16 -21.82 24.05
C VAL F 264 1.07 -22.70 25.30
N ILE F 265 1.76 -23.84 25.30
CA ILE F 265 1.70 -24.72 26.46
C ILE F 265 3.07 -25.02 27.03
N ASP F 266 4.12 -24.41 26.50
CA ASP F 266 5.43 -24.57 27.13
C ASP F 266 6.34 -23.42 26.71
N HIS F 267 7.50 -23.34 27.36
CA HIS F 267 8.61 -22.50 26.90
C HIS F 267 9.70 -23.40 26.36
N ASN F 268 10.56 -22.86 25.51
CA ASN F 268 11.66 -23.66 24.98
C ASN F 268 12.91 -22.78 24.88
N LEU F 269 14.05 -23.43 24.64
CA LEU F 269 15.28 -22.64 24.51
C LEU F 269 15.36 -22.01 23.14
N GLY F 270 15.23 -22.83 22.10
CA GLY F 270 15.20 -22.32 20.74
C GLY F 270 16.55 -21.81 20.23
N ASN F 271 17.67 -22.22 20.83
CA ASN F 271 18.97 -21.66 20.42
C ASN F 271 19.62 -22.53 19.34
N TRP F 272 18.95 -22.62 18.19
CA TRP F 272 19.49 -23.35 17.06
C TRP F 272 19.58 -22.45 15.83
N ASP F 273 20.49 -22.81 14.92
CA ASP F 273 20.58 -22.06 13.67
C ASP F 273 19.48 -22.55 12.73
N LYS F 274 19.45 -22.01 11.50
CA LYS F 274 18.37 -22.33 10.57
C LYS F 274 18.26 -23.83 10.27
N ASP F 275 19.33 -24.60 10.49
CA ASP F 275 19.34 -26.04 10.25
C ASP F 275 19.20 -26.86 11.54
N GLY F 276 18.90 -26.25 12.67
CA GLY F 276 18.70 -27.06 13.86
C GLY F 276 19.91 -27.28 14.76
N LYS F 277 21.10 -26.80 14.36
CA LYS F 277 22.28 -26.96 15.21
C LYS F 277 22.19 -26.01 16.40
N GLU F 278 22.36 -26.55 17.61
CA GLU F 278 22.17 -25.80 18.84
C GLU F 278 23.52 -25.41 19.46
N ASN F 279 23.56 -24.26 20.09
CA ASN F 279 24.78 -23.82 20.76
C ASN F 279 24.38 -22.90 21.90
N ASP F 280 25.05 -23.04 23.04
CA ASP F 280 24.71 -22.24 24.23
C ASP F 280 24.85 -20.73 23.99
N ALA F 281 25.60 -20.33 22.97
CA ALA F 281 25.78 -18.91 22.70
C ALA F 281 24.84 -18.38 21.62
N TYR F 282 23.99 -19.25 21.01
CA TYR F 282 23.12 -18.83 19.91
C TYR F 282 21.87 -18.11 20.42
N PRO F 283 21.30 -17.21 19.59
CA PRO F 283 20.07 -16.49 19.98
C PRO F 283 18.96 -17.48 20.30
N LYS F 284 18.22 -17.17 21.37
CA LYS F 284 17.07 -17.99 21.79
C LYS F 284 15.83 -17.47 21.08
N ASP F 285 15.69 -17.89 19.82
CA ASP F 285 14.61 -17.40 18.95
C ASP F 285 13.80 -18.48 18.23
N GLY F 286 14.21 -19.77 18.28
CA GLY F 286 13.41 -20.81 17.65
C GLY F 286 12.18 -21.20 18.49
N VAL F 287 11.16 -21.74 17.83
CA VAL F 287 9.90 -22.08 18.49
C VAL F 287 9.66 -23.58 18.33
N LEU F 288 8.70 -24.11 19.10
CA LEU F 288 8.29 -25.51 19.03
C LEU F 288 6.85 -25.57 18.48
N ILE F 289 6.57 -26.50 17.58
CA ILE F 289 5.19 -26.74 17.11
C ILE F 289 4.90 -28.24 17.29
N ASP F 290 3.62 -28.58 17.58
CA ASP F 290 3.36 -29.96 17.97
C ASP F 290 3.59 -30.91 16.77
N THR F 291 3.86 -32.19 17.10
CA THR F 291 4.25 -33.14 16.05
C THR F 291 3.20 -33.30 14.97
N ASN F 292 1.92 -33.16 15.31
CA ASN F 292 0.91 -33.37 14.26
C ASN F 292 0.86 -32.19 13.30
N MET F 293 0.83 -30.96 13.82
CA MET F 293 1.01 -29.76 13.00
C MET F 293 2.26 -29.84 12.13
N TYR F 294 3.34 -30.30 12.72
CA TYR F 294 4.61 -30.36 12.02
C TYR F 294 4.49 -31.20 10.74
N GLU F 295 3.90 -32.40 10.83
CA GLU F 295 3.84 -33.24 9.63
C GLU F 295 2.97 -32.61 8.55
N GLN F 296 2.09 -31.65 8.92
CA GLN F 296 1.26 -30.97 7.92
C GLN F 296 2.05 -29.97 7.09
N PHE F 297 3.31 -29.69 7.44
CA PHE F 297 4.18 -28.82 6.66
C PHE F 297 4.80 -29.53 5.46
N PHE F 298 4.63 -30.85 5.34
CA PHE F 298 5.27 -31.64 4.28
C PHE F 298 4.26 -32.33 3.38
N ASP F 299 4.68 -32.52 2.13
CA ASP F 299 3.94 -33.27 1.13
C ASP F 299 3.73 -34.74 1.58
N LYS F 300 2.77 -35.43 0.93
CA LYS F 300 2.45 -36.84 1.21
C LYS F 300 3.65 -37.73 1.45
N ASN F 301 4.63 -37.70 0.54
CA ASN F 301 5.74 -38.64 0.57
C ASN F 301 7.04 -37.97 0.94
N LYS F 302 6.97 -36.79 1.55
CA LYS F 302 8.16 -36.18 2.14
C LYS F 302 7.97 -35.92 3.63
N LYS F 303 7.18 -36.78 4.29
CA LYS F 303 7.04 -36.67 5.75
C LYS F 303 8.38 -36.95 6.41
N VAL F 304 8.56 -36.36 7.58
CA VAL F 304 9.77 -36.50 8.40
C VAL F 304 9.39 -37.18 9.71
N PRO F 305 9.26 -38.52 9.74
CA PRO F 305 8.72 -39.16 10.95
C PRO F 305 9.65 -39.08 12.14
N ASP F 306 10.95 -38.82 11.96
CA ASP F 306 11.86 -38.70 13.09
C ASP F 306 12.03 -37.26 13.58
N TYR F 307 11.28 -36.30 12.99
CA TYR F 307 11.30 -34.89 13.42
C TYR F 307 12.70 -34.28 13.36
N SER F 308 13.56 -34.78 12.48
CA SER F 308 14.93 -34.32 12.45
C SER F 308 15.11 -32.97 11.76
N LYS F 309 14.09 -32.46 11.09
CA LYS F 309 14.23 -31.31 10.22
C LYS F 309 13.58 -30.09 10.86
N THR F 310 14.25 -28.94 10.80
CA THR F 310 13.53 -27.72 11.22
C THR F 310 12.58 -27.31 10.10
N VAL F 311 11.60 -26.49 10.42
CA VAL F 311 10.75 -25.91 9.39
C VAL F 311 10.55 -24.45 9.71
N PRO F 312 10.46 -23.58 8.70
CA PRO F 312 10.12 -22.17 9.00
C PRO F 312 8.65 -22.06 9.27
N VAL F 313 8.30 -21.21 10.25
CA VAL F 313 6.93 -21.06 10.70
C VAL F 313 6.66 -19.57 10.85
N GLU F 314 5.57 -19.10 10.23
CA GLU F 314 5.05 -17.75 10.43
C GLU F 314 3.89 -17.78 11.43
N TRP F 315 3.92 -16.91 12.45
CA TRP F 315 2.91 -17.00 13.50
C TRP F 315 2.77 -15.64 14.20
N PHE F 316 1.76 -15.54 15.08
CA PHE F 316 1.66 -14.35 15.92
C PHE F 316 0.73 -14.65 17.10
N PHE F 317 0.75 -13.76 18.10
CA PHE F 317 -0.13 -13.93 19.25
C PHE F 317 -1.49 -13.38 18.91
N LEU F 318 -2.54 -14.20 19.11
CA LEU F 318 -3.87 -13.85 18.61
C LEU F 318 -4.46 -12.65 19.34
N ASP F 319 -4.19 -12.51 20.63
CA ASP F 319 -4.83 -11.49 21.48
C ASP F 319 -3.92 -10.36 21.91
N ILE F 320 -2.69 -10.30 21.40
CA ILE F 320 -1.75 -9.22 21.74
C ILE F 320 -1.69 -8.30 20.53
N ASN F 321 -2.04 -7.06 20.75
CA ASN F 321 -2.16 -6.08 19.66
C ASN F 321 -1.76 -4.75 20.30
N THR F 322 -0.47 -4.51 20.39
CA THR F 322 0.01 -3.41 21.20
C THR F 322 0.96 -2.50 20.42
N VAL F 323 1.25 -2.83 19.15
CA VAL F 323 2.14 -2.00 18.35
C VAL F 323 1.46 -1.60 17.05
N GLY F 324 1.50 -0.32 16.73
CA GLY F 324 0.93 0.14 15.48
C GLY F 324 1.96 0.17 14.32
#